data_5BWX
#
_entry.id   5BWX
#
_cell.length_a   69.460
_cell.length_b   106.680
_cell.length_c   107.920
_cell.angle_alpha   90.000
_cell.angle_beta   90.000
_cell.angle_gamma   90.000
#
_symmetry.space_group_name_H-M   'P 21 21 21'
#
loop_
_entity.id
_entity.type
_entity.pdbx_description
1 polymer 'Branched-chain-amino-acid aminotransferase, mitochondrial'
2 non-polymer "PYRIDOXAL-5'-PHOSPHATE"
3 non-polymer 5-butyl-2-[(4-chloro-2-fluorobenzyl)amino]-7-oxo-4,7-dihydropyrazolo[1,5-a]pyrimidine-3-carbonitrile
4 non-polymer 1,2-ETHANEDIOL
5 non-polymer 'CHLORIDE ION'
6 non-polymer GLYCEROL
7 non-polymer 'DIMETHYL SULFOXIDE'
8 water water
#
_entity_poly.entity_id   1
_entity_poly.type   'polypeptide(L)'
_entity_poly.pdbx_seq_one_letter_code
;GSHMASSSFKAADLQLEMTQKPHKKPGPGEPLVFGKTFTDHMLMVEWNDKGWGQPRIQPFQNLTLHPASSSLHYSLQLFE
GMKAFKGKDQQVRLFRPWLNMDRMLRSAMRLCLPSFDKLELLECIRRLIEVDKDWVPDAAGTSLYVRPVLIGNEPSLGVS
QPTRALLFVILCPVGAYFPGGSVTPVSLLADPAFIRAWVGGVGNYKLGGNYGPTVLVQQEALKRGCEQVLWLYGPDHQLT
EVGTMNIFVYWTHEDGVLELVTPPLNGVILPGVVRQSLLDMAQTWGEFRVVERTITMKQLLRALEEGRVREVFGSGTACQ
VCPVHRILYKDRNLHIPTMENGPELILRFQKELKEIQYGIRAHEWMFPV
;
_entity_poly.pdbx_strand_id   A,B
#
loop_
_chem_comp.id
_chem_comp.type
_chem_comp.name
_chem_comp.formula
4W4 non-polymer 5-butyl-2-[(4-chloro-2-fluorobenzyl)amino]-7-oxo-4,7-dihydropyrazolo[1,5-a]pyrimidine-3-carbonitrile 'C18 H17 Cl F N5 O'
CL non-polymer 'CHLORIDE ION' 'Cl -1'
DMS non-polymer 'DIMETHYL SULFOXIDE' 'C2 H6 O S'
EDO non-polymer 1,2-ETHANEDIOL 'C2 H6 O2'
GOL non-polymer GLYCEROL 'C3 H8 O3'
PLP non-polymer PYRIDOXAL-5'-PHOSPHATE 'C8 H10 N O6 P'
#
# COMPACT_ATOMS: atom_id res chain seq x y z
N SER A 7 -24.90 -4.24 8.20
CA SER A 7 -25.99 -3.80 7.28
C SER A 7 -25.42 -3.23 5.97
N SER A 8 -26.28 -2.62 5.16
CA SER A 8 -25.86 -2.02 3.89
C SER A 8 -26.74 -0.87 3.47
N PHE A 9 -26.13 0.06 2.75
CA PHE A 9 -26.88 1.07 2.03
C PHE A 9 -27.78 0.37 1.00
N LYS A 10 -28.90 0.99 0.69
CA LYS A 10 -29.88 0.44 -0.25
C LYS A 10 -30.04 1.38 -1.43
N ALA A 11 -30.13 0.82 -2.64
CA ALA A 11 -30.35 1.61 -3.84
C ALA A 11 -31.71 2.31 -3.76
N ALA A 12 -32.64 1.75 -3.00
CA ALA A 12 -33.98 2.34 -2.84
C ALA A 12 -33.94 3.70 -2.15
N ASP A 13 -32.86 3.95 -1.41
CA ASP A 13 -32.64 5.21 -0.72
C ASP A 13 -31.79 6.19 -1.54
N LEU A 14 -31.50 5.86 -2.80
CA LEU A 14 -30.64 6.73 -3.62
C LEU A 14 -31.11 8.17 -3.69
N GLN A 15 -30.19 9.07 -3.36
CA GLN A 15 -30.36 10.49 -3.52
C GLN A 15 -29.74 10.85 -4.86
N LEU A 16 -30.43 11.67 -5.64
CA LEU A 16 -29.98 12.03 -6.97
C LEU A 16 -29.79 13.54 -7.15
N GLU A 17 -28.60 13.94 -7.59
CA GLU A 17 -28.29 15.34 -7.88
C GLU A 17 -27.73 15.46 -9.31
N MET A 18 -28.56 15.87 -10.25
CA MET A 18 -28.11 15.99 -11.62
C MET A 18 -27.25 17.24 -11.78
N THR A 19 -26.28 17.19 -12.68
CA THR A 19 -25.36 18.26 -12.89
C THR A 19 -26.02 19.47 -13.54
N GLN A 20 -25.51 20.64 -13.18
CA GLN A 20 -25.88 21.91 -13.79
C GLN A 20 -24.78 22.39 -14.75
N LYS A 21 -23.70 21.64 -14.84
CA LYS A 21 -22.56 22.06 -15.65
C LYS A 21 -21.97 20.84 -16.38
N PRO A 22 -22.78 20.24 -17.28
CA PRO A 22 -22.35 19.05 -18.02
C PRO A 22 -21.22 19.40 -18.95
N HIS A 23 -20.23 18.50 -19.02
CA HIS A 23 -19.02 18.73 -19.80
C HIS A 23 -19.15 18.17 -21.23
N LYS A 24 -18.53 18.83 -22.19
CA LYS A 24 -18.51 18.31 -23.56
C LYS A 24 -17.84 16.96 -23.60
N LYS A 25 -18.48 16.02 -24.30
CA LYS A 25 -17.92 14.69 -24.50
C LYS A 25 -16.74 14.73 -25.46
N PRO A 26 -15.90 13.68 -25.45
CA PRO A 26 -14.72 13.72 -26.35
C PRO A 26 -15.11 13.80 -27.82
N GLY A 27 -14.43 14.68 -28.56
CA GLY A 27 -14.66 14.87 -30.00
C GLY A 27 -13.80 13.94 -30.83
N PRO A 31 -9.33 11.16 -29.84
CA PRO A 31 -8.63 10.02 -29.26
C PRO A 31 -8.59 10.11 -27.74
N LEU A 32 -8.92 9.01 -27.07
CA LEU A 32 -8.99 8.95 -25.61
C LEU A 32 -7.82 8.23 -24.99
N VAL A 33 -7.07 8.95 -24.15
CA VAL A 33 -5.98 8.36 -23.36
C VAL A 33 -6.68 7.70 -22.18
N PHE A 34 -6.29 6.46 -21.86
CA PHE A 34 -6.99 5.69 -20.83
C PHE A 34 -7.03 6.37 -19.48
N GLY A 35 -8.22 6.43 -18.88
CA GLY A 35 -8.39 6.83 -17.48
C GLY A 35 -8.14 8.27 -17.14
N LYS A 36 -8.28 9.16 -18.12
CA LYS A 36 -8.04 10.58 -17.88
C LYS A 36 -9.24 11.49 -18.12
N THR A 37 -10.24 10.99 -18.82
CA THR A 37 -11.47 11.76 -19.10
C THR A 37 -12.64 11.17 -18.30
N PHE A 38 -13.31 11.97 -17.49
CA PHE A 38 -14.35 11.45 -16.65
C PHE A 38 -15.74 11.96 -17.05
N THR A 39 -16.75 11.21 -16.64
CA THR A 39 -18.16 11.49 -17.00
C THR A 39 -18.71 12.53 -16.05
N ASP A 40 -19.98 12.95 -16.24
CA ASP A 40 -20.55 14.03 -15.46
C ASP A 40 -20.92 13.74 -14.02
N HIS A 41 -21.21 12.47 -13.69
CA HIS A 41 -21.65 12.13 -12.33
C HIS A 41 -20.80 11.04 -11.69
N MET A 42 -21.04 10.82 -10.40
CA MET A 42 -20.31 9.84 -9.59
C MET A 42 -21.24 9.30 -8.50
N LEU A 43 -20.91 8.12 -7.97
CA LEU A 43 -21.62 7.56 -6.82
C LEU A 43 -20.80 7.88 -5.57
N MET A 44 -21.49 8.15 -4.46
N MET A 44 -21.47 8.19 -4.46
CA MET A 44 -20.85 8.47 -3.20
CA MET A 44 -20.75 8.41 -3.20
C MET A 44 -21.65 7.83 -2.07
C MET A 44 -21.61 7.89 -2.05
N VAL A 45 -20.97 7.13 -1.16
CA VAL A 45 -21.65 6.56 0.00
C VAL A 45 -20.66 6.58 1.17
N GLU A 46 -21.08 7.11 2.30
CA GLU A 46 -20.22 7.22 3.48
C GLU A 46 -20.64 6.22 4.56
N TRP A 47 -19.67 5.79 5.37
CA TRP A 47 -19.91 4.85 6.44
C TRP A 47 -19.26 5.39 7.70
N ASN A 48 -19.87 5.09 8.84
CA ASN A 48 -19.32 5.47 10.14
C ASN A 48 -19.91 4.60 11.26
N ASP A 49 -19.84 5.08 12.50
CA ASP A 49 -20.37 4.32 13.64
C ASP A 49 -21.90 4.13 13.56
N LYS A 50 -22.59 5.03 12.86
CA LYS A 50 -24.03 4.89 12.63
C LYS A 50 -24.37 3.94 11.47
N GLY A 51 -23.33 3.42 10.80
CA GLY A 51 -23.48 2.50 9.69
C GLY A 51 -23.34 3.24 8.36
N TRP A 52 -23.92 2.66 7.32
CA TRP A 52 -23.90 3.28 6.01
C TRP A 52 -24.96 4.34 5.90
N GLY A 53 -24.58 5.47 5.32
CA GLY A 53 -25.52 6.51 4.94
C GLY A 53 -26.27 6.05 3.70
N GLN A 54 -27.04 6.95 3.12
CA GLN A 54 -27.77 6.65 1.90
C GLN A 54 -26.87 6.89 0.70
N PRO A 55 -26.97 6.05 -0.32
CA PRO A 55 -26.11 6.28 -1.47
C PRO A 55 -26.58 7.50 -2.26
N ARG A 56 -25.65 8.12 -2.97
CA ARG A 56 -25.92 9.35 -3.69
C ARG A 56 -25.23 9.44 -5.05
N ILE A 57 -26.02 9.73 -6.09
CA ILE A 57 -25.47 10.01 -7.40
C ILE A 57 -25.48 11.51 -7.52
N GLN A 58 -24.30 12.06 -7.72
CA GLN A 58 -24.13 13.51 -7.77
C GLN A 58 -23.11 13.92 -8.81
N PRO A 59 -23.01 15.24 -9.09
CA PRO A 59 -22.06 15.68 -10.08
C PRO A 59 -20.62 15.34 -9.68
N PHE A 60 -19.83 14.99 -10.69
CA PHE A 60 -18.40 14.72 -10.52
C PHE A 60 -17.80 15.89 -9.76
N GLN A 61 -17.07 15.62 -8.67
CA GLN A 61 -16.52 16.71 -7.86
C GLN A 61 -15.40 16.17 -6.99
N ASN A 62 -14.63 17.09 -6.43
CA ASN A 62 -13.50 16.70 -5.58
C ASN A 62 -13.95 16.07 -4.30
N LEU A 63 -13.03 15.28 -3.72
CA LEU A 63 -13.19 14.71 -2.41
C LEU A 63 -12.61 15.69 -1.38
N THR A 64 -13.21 15.72 -0.22
CA THR A 64 -12.72 16.52 0.90
C THR A 64 -12.33 15.55 1.99
N LEU A 65 -11.04 15.51 2.33
CA LEU A 65 -10.52 14.57 3.29
C LEU A 65 -9.72 15.25 4.39
N HIS A 66 -9.93 14.79 5.61
CA HIS A 66 -9.13 15.21 6.77
C HIS A 66 -7.68 14.83 6.46
N PRO A 67 -6.72 15.69 6.80
CA PRO A 67 -5.29 15.45 6.55
C PRO A 67 -4.74 14.18 7.18
N ALA A 68 -5.34 13.68 8.23
CA ALA A 68 -4.94 12.44 8.90
C ALA A 68 -5.70 11.21 8.39
N SER A 69 -6.47 11.38 7.30
CA SER A 69 -7.29 10.28 6.80
C SER A 69 -6.47 9.03 6.58
N SER A 70 -6.93 7.90 7.10
CA SER A 70 -6.12 6.67 7.01
C SER A 70 -5.95 6.12 5.59
N SER A 71 -6.79 6.59 4.68
CA SER A 71 -6.63 6.29 3.25
C SER A 71 -5.28 6.77 2.70
N LEU A 72 -4.72 7.83 3.29
CA LEU A 72 -3.55 8.51 2.81
C LEU A 72 -2.24 8.19 3.58
N HIS A 73 -2.38 7.72 4.81
CA HIS A 73 -1.24 7.37 5.66
C HIS A 73 -0.95 5.87 5.66
N TYR A 74 -1.99 5.03 5.76
CA TYR A 74 -1.76 3.60 5.87
C TYR A 74 -2.43 2.78 4.75
N SER A 75 -2.71 3.44 3.64
CA SER A 75 -3.18 2.80 2.41
C SER A 75 -4.41 1.90 2.64
N LEU A 76 -5.37 2.40 3.42
N LEU A 76 -5.37 2.40 3.43
CA LEU A 76 -6.62 1.68 3.59
CA LEU A 76 -6.64 1.70 3.59
C LEU A 76 -7.45 2.05 2.37
C LEU A 76 -7.42 2.09 2.35
N GLN A 77 -7.15 1.37 1.28
CA GLN A 77 -7.75 1.70 0.00
C GLN A 77 -7.79 0.50 -0.90
N LEU A 78 -8.87 0.38 -1.67
CA LEU A 78 -9.03 -0.72 -2.64
C LEU A 78 -9.86 -0.21 -3.80
N PHE A 79 -9.81 -0.92 -4.91
CA PHE A 79 -10.54 -0.45 -6.07
C PHE A 79 -10.95 -1.63 -6.93
N GLU A 80 -11.83 -1.32 -7.88
CA GLU A 80 -12.22 -2.26 -8.90
C GLU A 80 -12.16 -1.65 -10.26
N GLY A 81 -12.34 -2.50 -11.26
CA GLY A 81 -12.35 -2.04 -12.62
C GLY A 81 -13.19 -2.97 -13.46
N MET A 82 -14.21 -2.42 -14.09
CA MET A 82 -15.03 -3.22 -14.98
C MET A 82 -15.53 -2.37 -16.14
N LYS A 83 -16.08 -3.02 -17.17
CA LYS A 83 -16.49 -2.29 -18.35
C LYS A 83 -17.98 -2.45 -18.69
N ALA A 84 -18.57 -1.37 -19.18
CA ALA A 84 -19.92 -1.38 -19.78
C ALA A 84 -19.77 -1.20 -21.28
N PHE A 85 -20.62 -1.90 -22.04
CA PHE A 85 -20.53 -1.89 -23.48
C PHE A 85 -21.89 -1.56 -24.06
N LYS A 86 -21.89 -0.70 -25.06
CA LYS A 86 -23.14 -0.30 -25.74
C LYS A 86 -23.27 -1.06 -27.07
N GLY A 87 -24.35 -1.80 -27.24
CA GLY A 87 -24.61 -2.50 -28.51
C GLY A 87 -25.12 -1.54 -29.60
N LYS A 88 -25.50 -2.12 -30.75
CA LYS A 88 -25.99 -1.32 -31.89
C LYS A 88 -27.28 -0.58 -31.53
N ASP A 89 -28.20 -1.29 -30.91
CA ASP A 89 -29.49 -0.72 -30.52
C ASP A 89 -29.41 0.13 -29.25
N GLN A 90 -28.19 0.52 -28.87
CA GLN A 90 -27.95 1.42 -27.74
C GLN A 90 -28.21 0.79 -26.38
N GLN A 91 -28.35 -0.53 -26.32
CA GLN A 91 -28.50 -1.19 -25.03
C GLN A 91 -27.10 -1.28 -24.42
N VAL A 92 -26.98 -0.82 -23.18
CA VAL A 92 -25.72 -0.88 -22.42
C VAL A 92 -25.71 -2.10 -21.51
N ARG A 93 -24.57 -2.78 -21.44
CA ARG A 93 -24.46 -3.99 -20.66
C ARG A 93 -23.13 -4.02 -19.91
N LEU A 94 -23.15 -4.49 -18.67
CA LEU A 94 -21.92 -4.69 -17.90
C LEU A 94 -21.44 -6.13 -18.06
N PHE A 95 -20.12 -6.32 -18.16
CA PHE A 95 -19.53 -7.64 -18.28
C PHE A 95 -19.27 -8.24 -16.90
N ARG A 96 -19.96 -9.34 -16.59
CA ARG A 96 -19.81 -10.14 -15.36
C ARG A 96 -19.56 -9.33 -14.08
N PRO A 97 -20.34 -8.25 -13.88
CA PRO A 97 -20.09 -7.32 -12.77
C PRO A 97 -20.17 -7.98 -11.40
N TRP A 98 -20.94 -9.05 -11.30
CA TRP A 98 -21.09 -9.77 -10.03
C TRP A 98 -19.76 -10.22 -9.48
N LEU A 99 -18.88 -10.66 -10.37
CA LEU A 99 -17.55 -11.09 -9.98
C LEU A 99 -16.70 -9.96 -9.42
N ASN A 100 -16.87 -8.75 -9.94
CA ASN A 100 -16.16 -7.59 -9.38
C ASN A 100 -16.75 -7.21 -8.05
N MET A 101 -18.05 -7.39 -7.88
CA MET A 101 -18.63 -7.10 -6.58
C MET A 101 -18.08 -8.08 -5.54
N ASP A 102 -18.00 -9.36 -5.91
CA ASP A 102 -17.46 -10.38 -5.03
C ASP A 102 -16.01 -10.05 -4.63
N ARG A 103 -15.22 -9.67 -5.63
CA ARG A 103 -13.80 -9.38 -5.43
C ARG A 103 -13.59 -8.14 -4.57
N MET A 104 -14.41 -7.11 -4.80
CA MET A 104 -14.35 -5.90 -4.01
C MET A 104 -14.63 -6.17 -2.54
N LEU A 105 -15.64 -6.99 -2.29
CA LEU A 105 -15.96 -7.33 -0.92
C LEU A 105 -14.83 -8.11 -0.26
N ARG A 106 -14.20 -9.03 -0.98
CA ARG A 106 -13.02 -9.76 -0.44
C ARG A 106 -11.92 -8.75 -0.09
N SER A 107 -11.71 -7.78 -0.97
CA SER A 107 -10.73 -6.72 -0.69
C SER A 107 -11.11 -5.95 0.58
N ALA A 108 -12.37 -5.55 0.71
CA ALA A 108 -12.79 -4.83 1.89
C ALA A 108 -12.52 -5.61 3.17
N MET A 109 -12.80 -6.91 3.15
CA MET A 109 -12.61 -7.73 4.33
C MET A 109 -11.12 -7.81 4.69
N ARG A 110 -10.28 -7.92 3.67
CA ARG A 110 -8.84 -7.99 3.92
C ARG A 110 -8.28 -6.75 4.60
N LEU A 111 -8.87 -5.59 4.33
CA LEU A 111 -8.43 -4.32 4.90
C LEU A 111 -9.29 -3.79 6.05
N CYS A 112 -10.15 -4.64 6.59
CA CYS A 112 -10.98 -4.29 7.73
C CYS A 112 -11.84 -3.08 7.42
N LEU A 113 -12.30 -3.01 6.18
CA LEU A 113 -13.22 -1.97 5.74
C LEU A 113 -14.64 -2.54 5.75
N PRO A 114 -15.64 -1.66 5.80
CA PRO A 114 -17.01 -2.13 5.98
C PRO A 114 -17.57 -2.95 4.81
N SER A 115 -18.23 -4.03 5.17
CA SER A 115 -19.01 -4.88 4.25
C SER A 115 -20.21 -4.11 3.74
N PHE A 116 -20.68 -4.49 2.55
CA PHE A 116 -21.86 -3.91 1.91
C PHE A 116 -22.54 -5.03 1.10
N ASP A 117 -23.79 -4.79 0.69
CA ASP A 117 -24.55 -5.76 -0.08
C ASP A 117 -24.20 -5.61 -1.56
N LYS A 118 -23.67 -6.69 -2.12
CA LYS A 118 -23.15 -6.68 -3.48
C LYS A 118 -24.18 -6.32 -4.51
N LEU A 119 -25.41 -6.78 -4.31
CA LEU A 119 -26.49 -6.45 -5.23
C LEU A 119 -26.94 -5.00 -5.06
N GLU A 120 -26.88 -4.46 -3.83
CA GLU A 120 -27.22 -3.05 -3.65
C GLU A 120 -26.21 -2.17 -4.36
N LEU A 121 -24.91 -2.46 -4.22
CA LEU A 121 -23.92 -1.65 -4.94
C LEU A 121 -24.05 -1.79 -6.47
N LEU A 122 -24.34 -3.01 -6.94
CA LEU A 122 -24.46 -3.22 -8.38
C LEU A 122 -25.63 -2.39 -8.92
N GLU A 123 -26.76 -2.37 -8.19
CA GLU A 123 -27.91 -1.53 -8.64
C GLU A 123 -27.55 -0.04 -8.60
N CYS A 124 -26.79 0.40 -7.59
CA CYS A 124 -26.36 1.80 -7.57
C CYS A 124 -25.47 2.16 -8.77
N ILE A 125 -24.57 1.25 -9.12
CA ILE A 125 -23.73 1.42 -10.28
C ILE A 125 -24.59 1.43 -11.57
N ARG A 126 -25.53 0.51 -11.63
CA ARG A 126 -26.47 0.48 -12.76
C ARG A 126 -27.13 1.84 -12.92
N ARG A 127 -27.62 2.38 -11.81
CA ARG A 127 -28.32 3.66 -11.84
C ARG A 127 -27.39 4.79 -12.26
N LEU A 128 -26.14 4.77 -11.78
CA LEU A 128 -25.15 5.76 -12.17
C LEU A 128 -24.85 5.72 -13.67
N ILE A 129 -24.68 4.51 -14.20
CA ILE A 129 -24.34 4.40 -15.61
C ILE A 129 -25.54 4.84 -16.46
N GLU A 130 -26.73 4.53 -15.97
CA GLU A 130 -27.94 4.96 -16.67
C GLU A 130 -27.99 6.48 -16.74
N VAL A 131 -27.65 7.17 -15.64
CA VAL A 131 -27.61 8.63 -15.66
C VAL A 131 -26.64 9.17 -16.73
N ASP A 132 -25.44 8.58 -16.78
CA ASP A 132 -24.42 8.96 -17.74
C ASP A 132 -24.39 8.07 -18.99
N LYS A 133 -25.54 7.48 -19.37
CA LYS A 133 -25.63 6.58 -20.54
C LYS A 133 -25.09 7.16 -21.85
N ASP A 134 -25.27 8.46 -22.07
CA ASP A 134 -24.75 9.11 -23.28
C ASP A 134 -23.23 9.17 -23.36
N TRP A 135 -22.55 8.91 -22.24
CA TRP A 135 -21.08 8.87 -22.21
C TRP A 135 -20.54 7.52 -22.69
N VAL A 136 -21.38 6.49 -22.73
CA VAL A 136 -20.96 5.16 -23.19
C VAL A 136 -20.87 5.19 -24.72
N PRO A 137 -19.64 5.17 -25.26
CA PRO A 137 -19.45 5.25 -26.71
C PRO A 137 -19.91 3.95 -27.39
N ASP A 138 -20.17 4.00 -28.68
CA ASP A 138 -20.64 2.80 -29.38
C ASP A 138 -19.78 2.36 -30.57
N ALA A 139 -18.66 3.05 -30.80
CA ALA A 139 -17.71 2.67 -31.84
C ALA A 139 -17.06 1.33 -31.50
N ALA A 140 -16.58 0.64 -32.54
CA ALA A 140 -15.94 -0.66 -32.37
C ALA A 140 -14.77 -0.53 -31.41
N GLY A 141 -14.70 -1.45 -30.46
CA GLY A 141 -13.62 -1.45 -29.48
C GLY A 141 -13.70 -0.36 -28.43
N THR A 142 -14.84 0.30 -28.28
CA THR A 142 -14.99 1.35 -27.24
C THR A 142 -15.90 0.86 -26.13
N SER A 143 -15.76 1.49 -24.96
CA SER A 143 -16.49 1.03 -23.79
C SER A 143 -16.44 2.13 -22.75
N LEU A 144 -17.15 1.90 -21.65
CA LEU A 144 -17.10 2.76 -20.48
C LEU A 144 -16.43 2.00 -19.34
N TYR A 145 -15.34 2.54 -18.82
CA TYR A 145 -14.62 1.97 -17.68
C TYR A 145 -15.23 2.48 -16.39
N VAL A 146 -15.50 1.56 -15.52
CA VAL A 146 -16.17 1.76 -14.24
C VAL A 146 -15.18 1.51 -13.11
N ARG A 147 -14.94 2.53 -12.27
CA ARG A 147 -13.95 2.43 -11.20
C ARG A 147 -14.55 2.64 -9.82
N PRO A 148 -15.02 1.57 -9.15
CA PRO A 148 -15.41 1.67 -7.74
C PRO A 148 -14.14 1.74 -6.86
N VAL A 149 -14.25 2.43 -5.74
CA VAL A 149 -13.16 2.60 -4.79
C VAL A 149 -13.77 2.59 -3.39
N LEU A 150 -13.08 1.95 -2.44
CA LEU A 150 -13.50 2.01 -1.03
C LEU A 150 -12.26 2.39 -0.24
N ILE A 151 -12.38 3.43 0.58
CA ILE A 151 -11.24 3.88 1.39
C ILE A 151 -11.62 4.04 2.85
N GLY A 152 -10.63 3.78 3.72
CA GLY A 152 -10.74 4.14 5.11
C GLY A 152 -10.65 5.65 5.25
N ASN A 153 -11.30 6.20 6.26
CA ASN A 153 -11.31 7.63 6.36
C ASN A 153 -11.32 8.06 7.82
N GLU A 154 -10.53 7.36 8.62
CA GLU A 154 -10.36 7.64 10.04
C GLU A 154 -9.37 8.81 10.20
N PRO A 155 -9.77 9.92 10.87
CA PRO A 155 -8.84 11.02 11.13
C PRO A 155 -7.90 10.71 12.32
N SER A 156 -7.07 9.68 12.19
CA SER A 156 -6.28 9.21 13.33
C SER A 156 -4.99 8.59 12.81
N LEU A 157 -3.88 8.90 13.49
CA LEU A 157 -2.58 8.35 13.10
C LEU A 157 -2.28 6.99 13.72
N GLY A 158 -3.20 6.43 14.50
CA GLY A 158 -3.02 5.07 15.00
C GLY A 158 -3.24 4.07 13.86
N VAL A 159 -2.41 3.03 13.79
CA VAL A 159 -2.62 1.99 12.79
C VAL A 159 -3.72 1.07 13.31
N SER A 160 -4.94 1.30 12.84
CA SER A 160 -6.12 0.65 13.38
C SER A 160 -7.27 0.48 12.39
N GLN A 161 -8.23 -0.37 12.73
CA GLN A 161 -9.43 -0.53 11.92
C GLN A 161 -10.20 0.80 11.85
N PRO A 162 -10.48 1.28 10.63
CA PRO A 162 -11.18 2.56 10.53
C PRO A 162 -12.63 2.48 11.04
N THR A 163 -13.08 3.58 11.64
CA THR A 163 -14.48 3.71 12.10
C THR A 163 -15.28 4.55 11.10
N ARG A 164 -14.62 5.02 10.05
CA ARG A 164 -15.26 5.76 8.98
C ARG A 164 -14.69 5.23 7.68
N ALA A 165 -15.51 5.23 6.64
CA ALA A 165 -15.06 4.83 5.29
C ALA A 165 -15.87 5.60 4.27
N LEU A 166 -15.32 5.62 3.04
CA LEU A 166 -15.94 6.29 1.92
C LEU A 166 -15.92 5.38 0.69
N LEU A 167 -17.08 5.20 0.05
CA LEU A 167 -17.16 4.34 -1.13
C LEU A 167 -17.61 5.22 -2.25
N PHE A 168 -16.85 5.22 -3.35
CA PHE A 168 -17.24 6.02 -4.51
C PHE A 168 -16.97 5.31 -5.81
N VAL A 169 -17.63 5.79 -6.86
CA VAL A 169 -17.51 5.23 -8.18
C VAL A 169 -17.49 6.35 -9.21
N ILE A 170 -16.48 6.30 -10.08
CA ILE A 170 -16.31 7.21 -11.18
C ILE A 170 -16.21 6.42 -12.48
N LEU A 171 -16.46 7.11 -13.59
CA LEU A 171 -16.56 6.49 -14.90
C LEU A 171 -15.72 7.21 -15.96
N CYS A 172 -15.09 6.44 -16.86
CA CYS A 172 -14.26 6.97 -17.94
C CYS A 172 -14.66 6.32 -19.25
N PRO A 173 -14.98 7.13 -20.28
CA PRO A 173 -15.13 6.49 -21.59
C PRO A 173 -13.75 6.04 -22.07
N VAL A 174 -13.67 4.92 -22.78
CA VAL A 174 -12.37 4.48 -23.25
C VAL A 174 -12.39 4.06 -24.72
N GLY A 175 -11.33 4.44 -25.44
CA GLY A 175 -11.24 4.19 -26.88
C GLY A 175 -10.89 2.76 -27.22
N VAL A 183 -4.22 -6.15 -32.97
CA VAL A 183 -3.48 -6.32 -31.72
C VAL A 183 -1.96 -6.12 -31.93
N THR A 184 -1.42 -5.03 -31.38
CA THR A 184 0.02 -4.74 -31.49
C THR A 184 0.74 -5.32 -30.26
N PRO A 185 1.70 -6.22 -30.49
CA PRO A 185 2.33 -6.88 -29.34
C PRO A 185 3.34 -6.03 -28.60
N VAL A 186 3.61 -6.42 -27.36
CA VAL A 186 4.56 -5.72 -26.50
C VAL A 186 5.76 -6.57 -26.14
N SER A 187 6.80 -5.87 -25.72
CA SER A 187 8.01 -6.44 -25.19
C SER A 187 7.99 -6.41 -23.66
N LEU A 188 8.64 -7.40 -23.04
CA LEU A 188 8.67 -7.55 -21.57
C LEU A 188 10.08 -7.68 -21.00
N LEU A 189 10.29 -7.00 -19.88
CA LEU A 189 11.53 -7.17 -19.08
C LEU A 189 11.24 -8.25 -18.04
N ALA A 190 12.07 -9.29 -18.04
CA ALA A 190 11.95 -10.40 -17.08
C ALA A 190 13.26 -10.46 -16.30
N ASP A 191 13.24 -9.82 -15.14
CA ASP A 191 14.40 -9.77 -14.25
C ASP A 191 13.94 -10.23 -12.85
N PRO A 192 14.55 -11.31 -12.36
CA PRO A 192 14.10 -11.86 -11.07
C PRO A 192 14.32 -10.97 -9.83
N ALA A 193 15.03 -9.87 -9.99
CA ALA A 193 15.20 -8.88 -8.95
C ALA A 193 13.86 -8.25 -8.53
N PHE A 194 12.95 -8.20 -9.46
CA PHE A 194 11.68 -7.48 -9.23
C PHE A 194 10.59 -8.40 -8.68
N ILE A 195 10.00 -8.00 -7.56
CA ILE A 195 8.97 -8.86 -6.93
C ILE A 195 7.63 -8.11 -6.78
N ARG A 196 6.57 -8.65 -7.39
CA ARG A 196 5.27 -7.96 -7.35
C ARG A 196 4.51 -8.30 -6.09
N ALA A 197 4.73 -9.53 -5.63
CA ALA A 197 3.89 -10.08 -4.60
C ALA A 197 4.54 -11.33 -4.06
N TRP A 198 4.14 -11.74 -2.88
N TRP A 198 4.10 -11.75 -2.89
CA TRP A 198 4.70 -12.94 -2.27
CA TRP A 198 4.73 -12.86 -2.17
C TRP A 198 3.65 -13.79 -1.60
C TRP A 198 3.68 -13.77 -1.55
N VAL A 199 3.96 -15.07 -1.46
CA VAL A 199 3.04 -15.99 -0.78
C VAL A 199 3.01 -15.55 0.69
N GLY A 200 1.82 -15.30 1.21
CA GLY A 200 1.63 -14.70 2.56
C GLY A 200 1.40 -13.19 2.53
N GLY A 201 1.39 -12.60 1.32
CA GLY A 201 1.18 -11.18 1.11
C GLY A 201 -0.24 -10.91 0.66
N VAL A 202 -0.44 -9.82 -0.05
CA VAL A 202 -1.78 -9.36 -0.48
C VAL A 202 -1.86 -9.06 -1.98
N GLY A 203 -0.98 -9.70 -2.77
CA GLY A 203 -0.97 -9.51 -4.21
C GLY A 203 -2.19 -10.09 -4.90
N ASN A 204 -2.91 -10.96 -4.19
CA ASN A 204 -4.14 -11.58 -4.71
C ASN A 204 -5.39 -10.76 -4.40
N TYR A 205 -5.18 -9.54 -3.90
CA TYR A 205 -6.26 -8.59 -3.66
C TYR A 205 -6.00 -7.32 -4.45
N LYS A 206 -7.05 -6.64 -4.89
CA LYS A 206 -6.89 -5.45 -5.71
C LYS A 206 -6.84 -4.21 -4.79
N LEU A 207 -5.69 -4.07 -4.12
CA LEU A 207 -5.44 -3.03 -3.13
C LEU A 207 -4.43 -2.06 -3.69
N GLY A 208 -4.65 -0.78 -3.44
CA GLY A 208 -3.78 0.27 -3.96
C GLY A 208 -2.32 0.05 -3.70
N GLY A 209 -2.04 -0.50 -2.51
CA GLY A 209 -0.67 -0.72 -2.06
C GLY A 209 0.15 -1.61 -2.96
N ASN A 210 -0.50 -2.49 -3.71
CA ASN A 210 0.22 -3.34 -4.65
C ASN A 210 0.77 -2.64 -5.89
N TYR A 211 0.33 -1.43 -6.16
CA TYR A 211 0.62 -0.77 -7.44
C TYR A 211 1.66 0.31 -7.36
N GLY A 212 1.63 1.13 -6.31
CA GLY A 212 2.61 2.19 -6.16
C GLY A 212 4.06 1.76 -6.34
N PRO A 213 4.46 0.64 -5.71
CA PRO A 213 5.85 0.20 -5.86
C PRO A 213 6.26 -0.30 -7.24
N THR A 214 5.30 -0.51 -8.14
CA THR A 214 5.64 -0.99 -9.45
C THR A 214 6.04 0.12 -10.41
N VAL A 215 5.78 1.38 -10.05
CA VAL A 215 6.03 2.46 -10.98
C VAL A 215 7.53 2.56 -11.30
N LEU A 216 8.36 2.43 -10.27
CA LEU A 216 9.81 2.47 -10.49
C LEU A 216 10.33 1.30 -11.33
N VAL A 217 9.73 0.13 -11.15
CA VAL A 217 10.10 -1.04 -11.90
C VAL A 217 9.76 -0.89 -13.40
N GLN A 218 8.58 -0.35 -13.67
CA GLN A 218 8.16 -0.08 -15.05
C GLN A 218 9.10 0.93 -15.70
N GLN A 219 9.52 1.93 -14.95
N GLN A 219 9.52 1.93 -14.94
CA GLN A 219 10.51 2.89 -15.46
CA GLN A 219 10.51 2.90 -15.43
C GLN A 219 11.79 2.17 -15.86
C GLN A 219 11.80 2.18 -15.85
N GLU A 220 12.20 1.19 -15.06
CA GLU A 220 13.38 0.36 -15.37
C GLU A 220 13.18 -0.45 -16.64
N ALA A 221 11.97 -1.00 -16.81
CA ALA A 221 11.68 -1.73 -18.05
C ALA A 221 11.85 -0.78 -19.24
N LEU A 222 11.31 0.42 -19.14
CA LEU A 222 11.41 1.40 -20.21
C LEU A 222 12.87 1.79 -20.48
N LYS A 223 13.66 1.93 -19.44
CA LYS A 223 15.10 2.21 -19.61
C LYS A 223 15.87 1.13 -20.35
N ARG A 224 15.48 -0.13 -20.15
CA ARG A 224 16.06 -1.28 -20.84
C ARG A 224 15.37 -1.60 -22.17
N GLY A 225 14.54 -0.68 -22.65
CA GLY A 225 13.91 -0.78 -23.96
C GLY A 225 12.74 -1.72 -24.07
N CYS A 226 12.16 -2.08 -22.94
CA CYS A 226 10.95 -2.90 -22.91
C CYS A 226 9.73 -2.07 -22.54
N GLU A 227 8.56 -2.61 -22.87
CA GLU A 227 7.31 -1.90 -22.63
C GLU A 227 6.54 -2.21 -21.35
N GLN A 228 6.63 -3.46 -20.87
CA GLN A 228 5.97 -3.88 -19.64
C GLN A 228 6.92 -4.80 -18.86
N VAL A 229 6.51 -5.11 -17.63
CA VAL A 229 7.29 -5.94 -16.71
C VAL A 229 6.73 -7.35 -16.65
N LEU A 230 7.56 -8.36 -16.91
CA LEU A 230 7.17 -9.76 -16.66
C LEU A 230 7.57 -10.08 -15.22
N TRP A 231 6.57 -10.24 -14.34
CA TRP A 231 6.81 -10.44 -12.91
C TRP A 231 7.18 -11.89 -12.58
N LEU A 232 8.46 -12.08 -12.24
CA LEU A 232 8.99 -13.39 -11.88
C LEU A 232 8.95 -13.63 -10.39
N TYR A 233 8.75 -14.89 -10.02
CA TYR A 233 8.67 -15.26 -8.62
C TYR A 233 9.30 -16.62 -8.36
N GLY A 234 10.05 -16.69 -7.28
CA GLY A 234 10.59 -17.97 -6.78
C GLY A 234 11.91 -18.39 -7.38
N PRO A 235 12.50 -19.43 -6.79
CA PRO A 235 13.81 -19.87 -7.27
C PRO A 235 13.79 -20.45 -8.68
N ASP A 236 12.63 -20.89 -9.13
CA ASP A 236 12.45 -21.44 -10.45
C ASP A 236 11.93 -20.38 -11.45
N HIS A 237 11.96 -19.11 -11.07
CA HIS A 237 11.62 -18.01 -11.98
C HIS A 237 10.26 -18.22 -12.64
N GLN A 238 9.22 -18.33 -11.81
CA GLN A 238 7.88 -18.52 -12.30
C GLN A 238 7.40 -17.21 -12.95
N LEU A 239 6.73 -17.34 -14.08
CA LEU A 239 6.05 -16.22 -14.74
C LEU A 239 4.68 -16.04 -14.05
N THR A 240 4.49 -14.92 -13.38
CA THR A 240 3.26 -14.74 -12.60
C THR A 240 2.21 -13.88 -13.28
N GLU A 241 2.63 -12.69 -13.65
CA GLU A 241 1.76 -11.68 -14.27
C GLU A 241 2.60 -10.82 -15.16
N VAL A 242 1.95 -9.98 -15.95
N VAL A 242 1.94 -10.01 -15.98
CA VAL A 242 2.65 -9.11 -16.87
CA VAL A 242 2.60 -9.11 -16.91
C VAL A 242 2.03 -7.72 -16.75
C VAL A 242 2.00 -7.72 -16.72
N GLY A 243 2.79 -6.79 -16.20
CA GLY A 243 2.28 -5.46 -15.93
C GLY A 243 1.15 -5.57 -14.93
N THR A 244 -0.03 -5.07 -15.33
CA THR A 244 -1.23 -5.16 -14.52
C THR A 244 -2.21 -6.22 -15.07
N MET A 245 -1.66 -7.20 -15.80
CA MET A 245 -2.46 -8.23 -16.51
C MET A 245 -2.03 -9.64 -16.11
N ASN A 246 -2.99 -10.57 -16.13
CA ASN A 246 -2.67 -11.99 -15.93
C ASN A 246 -1.96 -12.49 -17.21
N ILE A 247 -1.15 -13.54 -17.09
CA ILE A 247 -0.39 -14.08 -18.21
C ILE A 247 -0.90 -15.45 -18.62
N PHE A 248 -0.98 -15.68 -19.93
CA PHE A 248 -1.38 -16.96 -20.51
C PHE A 248 -0.32 -17.39 -21.51
N VAL A 249 -0.10 -18.69 -21.57
CA VAL A 249 0.73 -19.29 -22.59
C VAL A 249 -0.06 -20.41 -23.30
N TYR A 250 0.01 -20.40 -24.62
CA TYR A 250 -0.63 -21.40 -25.46
C TYR A 250 0.53 -22.10 -26.15
N TRP A 251 0.67 -23.39 -25.86
CA TRP A 251 1.78 -24.17 -26.39
C TRP A 251 1.45 -25.65 -26.44
N THR A 252 2.36 -26.41 -27.03
CA THR A 252 2.38 -27.85 -26.84
C THR A 252 3.32 -28.05 -25.65
N HIS A 253 2.82 -28.68 -24.60
CA HIS A 253 3.57 -28.87 -23.36
C HIS A 253 4.56 -30.01 -23.60
N GLU A 254 5.45 -30.22 -22.63
CA GLU A 254 6.52 -31.24 -22.68
C GLU A 254 6.01 -32.68 -22.83
N ASP A 255 4.75 -32.91 -22.49
CA ASP A 255 4.11 -34.22 -22.68
C ASP A 255 3.44 -34.37 -24.04
N GLY A 256 3.70 -33.40 -24.93
CA GLY A 256 3.15 -33.39 -26.29
C GLY A 256 1.69 -32.99 -26.43
N VAL A 257 1.09 -32.48 -25.36
CA VAL A 257 -0.33 -32.11 -25.40
C VAL A 257 -0.47 -30.60 -25.60
N LEU A 258 -1.27 -30.22 -26.59
CA LEU A 258 -1.62 -28.81 -26.87
C LEU A 258 -2.42 -28.29 -25.69
N GLU A 259 -1.99 -27.14 -25.17
CA GLU A 259 -2.50 -26.69 -23.90
C GLU A 259 -2.49 -25.18 -23.78
N LEU A 260 -3.50 -24.66 -23.10
CA LEU A 260 -3.51 -23.27 -22.64
C LEU A 260 -3.25 -23.32 -21.14
N VAL A 261 -2.22 -22.61 -20.67
CA VAL A 261 -1.87 -22.61 -19.24
C VAL A 261 -1.86 -21.17 -18.72
N THR A 262 -2.29 -21.02 -17.47
CA THR A 262 -2.12 -19.77 -16.74
C THR A 262 -1.78 -20.12 -15.29
N PRO A 263 -0.99 -19.27 -14.62
CA PRO A 263 -0.61 -19.57 -13.22
C PRO A 263 -1.80 -19.74 -12.28
N PRO A 264 -1.69 -20.65 -11.29
CA PRO A 264 -2.80 -20.88 -10.36
C PRO A 264 -2.91 -19.82 -9.29
N LEU A 265 -4.09 -19.75 -8.69
CA LEU A 265 -4.41 -18.80 -7.64
C LEU A 265 -3.88 -19.31 -6.31
N ASN A 266 -2.56 -19.22 -6.15
CA ASN A 266 -1.89 -19.70 -4.94
C ASN A 266 -1.32 -18.59 -4.07
N GLY A 267 -1.77 -17.37 -4.32
CA GLY A 267 -1.45 -16.25 -3.43
C GLY A 267 -0.81 -15.06 -4.08
N VAL A 268 -0.03 -15.30 -5.14
CA VAL A 268 0.69 -14.24 -5.83
C VAL A 268 -0.01 -13.78 -7.13
N ILE A 269 -1.20 -14.31 -7.40
CA ILE A 269 -1.92 -13.98 -8.64
C ILE A 269 -3.22 -13.27 -8.31
N LEU A 270 -3.43 -12.13 -8.95
CA LEU A 270 -4.70 -11.44 -8.83
C LEU A 270 -5.71 -12.23 -9.68
N PRO A 271 -6.83 -12.71 -9.08
CA PRO A 271 -7.82 -13.47 -9.86
C PRO A 271 -8.66 -12.62 -10.82
N GLY A 272 -8.15 -12.42 -12.02
CA GLY A 272 -8.77 -11.59 -13.03
C GLY A 272 -10.12 -12.13 -13.47
N VAL A 273 -11.06 -11.22 -13.71
CA VAL A 273 -12.32 -11.63 -14.36
C VAL A 273 -12.07 -12.04 -15.81
N VAL A 274 -11.22 -11.33 -16.54
CA VAL A 274 -10.95 -11.70 -17.91
C VAL A 274 -10.27 -13.06 -17.91
N ARG A 275 -9.26 -13.21 -17.05
CA ARG A 275 -8.55 -14.49 -16.84
C ARG A 275 -9.56 -15.64 -16.64
N GLN A 276 -10.47 -15.51 -15.69
CA GLN A 276 -11.45 -16.59 -15.47
C GLN A 276 -12.32 -16.84 -16.70
N SER A 277 -12.71 -15.77 -17.39
CA SER A 277 -13.54 -15.85 -18.60
C SER A 277 -12.85 -16.60 -19.74
N LEU A 278 -11.55 -16.37 -19.90
CA LEU A 278 -10.78 -17.06 -20.94
C LEU A 278 -10.69 -18.52 -20.58
N LEU A 279 -10.45 -18.84 -19.31
CA LEU A 279 -10.44 -20.25 -18.88
C LEU A 279 -11.80 -20.91 -19.13
N ASP A 280 -12.86 -20.23 -18.71
CA ASP A 280 -14.25 -20.71 -18.93
C ASP A 280 -14.54 -20.98 -20.42
N MET A 281 -14.16 -20.06 -21.29
CA MET A 281 -14.40 -20.15 -22.74
C MET A 281 -13.67 -21.30 -23.38
N ALA A 282 -12.39 -21.40 -23.09
CA ALA A 282 -11.55 -22.44 -23.66
C ALA A 282 -11.94 -23.82 -23.11
N GLN A 283 -12.24 -23.91 -21.82
CA GLN A 283 -12.65 -25.18 -21.23
C GLN A 283 -13.95 -25.66 -21.88
N THR A 284 -14.89 -24.73 -22.04
CA THR A 284 -16.16 -25.00 -22.73
C THR A 284 -15.98 -25.53 -24.17
N TRP A 285 -15.04 -24.96 -24.93
CA TRP A 285 -14.78 -25.44 -26.31
C TRP A 285 -14.40 -26.93 -26.32
N GLY A 286 -13.60 -27.35 -25.34
CA GLY A 286 -13.18 -28.75 -25.22
C GLY A 286 -12.27 -29.23 -26.34
N GLU A 287 -11.53 -28.30 -26.95
CA GLU A 287 -10.68 -28.60 -28.09
C GLU A 287 -9.23 -28.85 -27.72
N PHE A 288 -8.83 -28.39 -26.53
CA PHE A 288 -7.47 -28.58 -26.03
C PHE A 288 -7.45 -28.53 -24.49
N ARG A 289 -6.33 -28.93 -23.90
CA ARG A 289 -6.23 -28.98 -22.44
C ARG A 289 -6.13 -27.53 -21.94
N VAL A 290 -6.84 -27.24 -20.86
CA VAL A 290 -6.88 -25.89 -20.27
C VAL A 290 -6.52 -26.10 -18.79
N VAL A 291 -5.38 -25.58 -18.36
CA VAL A 291 -4.90 -25.79 -17.02
C VAL A 291 -4.44 -24.53 -16.28
N GLU A 292 -4.52 -24.62 -14.98
CA GLU A 292 -3.88 -23.67 -14.08
C GLU A 292 -2.70 -24.39 -13.45
N ARG A 293 -1.51 -23.95 -13.83
CA ARG A 293 -0.24 -24.53 -13.39
C ARG A 293 0.81 -23.47 -13.46
N THR A 294 1.82 -23.54 -12.61
CA THR A 294 2.95 -22.59 -12.70
C THR A 294 3.73 -22.80 -14.00
N ILE A 295 4.33 -21.71 -14.48
CA ILE A 295 5.08 -21.68 -15.73
C ILE A 295 6.40 -21.10 -15.34
N THR A 296 7.48 -21.78 -15.71
CA THR A 296 8.81 -21.34 -15.34
C THR A 296 9.58 -20.84 -16.57
N MET A 297 10.57 -20.00 -16.34
CA MET A 297 11.38 -19.52 -17.46
C MET A 297 12.13 -20.71 -18.14
N LYS A 298 12.57 -21.67 -17.33
CA LYS A 298 13.22 -22.87 -17.89
C LYS A 298 12.30 -23.58 -18.86
N GLN A 299 11.02 -23.75 -18.50
CA GLN A 299 10.08 -24.38 -19.42
C GLN A 299 9.87 -23.52 -20.67
N LEU A 300 9.80 -22.20 -20.50
CA LEU A 300 9.54 -21.32 -21.62
C LEU A 300 10.70 -21.36 -22.61
N LEU A 301 11.92 -21.24 -22.09
CA LEU A 301 13.15 -21.32 -22.91
C LEU A 301 13.23 -22.60 -23.73
N ARG A 302 12.97 -23.73 -23.09
N ARG A 302 12.98 -23.74 -23.09
CA ARG A 302 13.01 -25.03 -23.80
CA ARG A 302 13.00 -25.04 -23.79
C ARG A 302 11.90 -25.13 -24.84
C ARG A 302 11.90 -25.13 -24.83
N ALA A 303 10.72 -24.63 -24.48
CA ALA A 303 9.57 -24.68 -25.39
C ALA A 303 9.82 -23.84 -26.66
N LEU A 304 10.44 -22.69 -26.47
CA LEU A 304 10.80 -21.80 -27.59
C LEU A 304 11.85 -22.45 -28.47
N GLU A 305 12.84 -23.07 -27.84
CA GLU A 305 13.92 -23.76 -28.58
C GLU A 305 13.36 -24.87 -29.46
N GLU A 306 12.36 -25.59 -28.94
CA GLU A 306 11.74 -26.72 -29.62
C GLU A 306 10.54 -26.31 -30.51
N GLY A 307 10.25 -25.01 -30.57
CA GLY A 307 9.19 -24.51 -31.42
C GLY A 307 7.80 -24.91 -30.99
N ARG A 308 7.62 -25.13 -29.68
CA ARG A 308 6.33 -25.56 -29.16
C ARG A 308 5.45 -24.40 -28.67
N VAL A 309 5.99 -23.19 -28.63
CA VAL A 309 5.20 -22.04 -28.13
C VAL A 309 4.41 -21.45 -29.30
N ARG A 310 3.11 -21.29 -29.12
CA ARG A 310 2.27 -20.65 -30.11
C ARG A 310 2.04 -19.17 -29.80
N GLU A 311 1.52 -18.90 -28.61
CA GLU A 311 1.10 -17.54 -28.22
C GLU A 311 1.32 -17.28 -26.75
N VAL A 312 1.69 -16.04 -26.41
CA VAL A 312 1.82 -15.60 -25.05
C VAL A 312 1.08 -14.27 -25.03
N PHE A 313 0.28 -14.06 -24.01
CA PHE A 313 -0.49 -12.83 -23.92
C PHE A 313 -0.92 -12.51 -22.50
N GLY A 314 -1.24 -11.24 -22.27
CA GLY A 314 -1.81 -10.80 -21.03
C GLY A 314 -3.31 -10.66 -21.16
N SER A 315 -4.01 -10.75 -20.03
CA SER A 315 -5.43 -10.52 -19.96
C SER A 315 -5.77 -9.52 -18.86
N GLY A 316 -6.81 -8.71 -19.07
CA GLY A 316 -7.20 -7.72 -18.09
C GLY A 316 -8.27 -6.82 -18.68
N THR A 317 -9.03 -6.16 -17.82
CA THR A 317 -10.18 -5.36 -18.26
C THR A 317 -9.81 -4.24 -19.25
N ALA A 318 -8.89 -3.36 -18.88
CA ALA A 318 -8.64 -2.17 -19.70
C ALA A 318 -8.24 -2.47 -21.14
N CYS A 319 -7.38 -3.48 -21.34
CA CYS A 319 -6.86 -3.82 -22.66
C CYS A 319 -7.40 -5.13 -23.27
N GLN A 320 -8.14 -5.88 -22.48
CA GLN A 320 -8.73 -7.19 -22.84
C GLN A 320 -7.64 -8.26 -22.95
N VAL A 321 -6.96 -8.34 -24.09
N VAL A 321 -7.07 -8.39 -24.13
CA VAL A 321 -5.87 -9.30 -24.31
CA VAL A 321 -6.00 -9.32 -24.34
C VAL A 321 -4.76 -8.71 -25.17
C VAL A 321 -4.96 -8.55 -25.10
N CYS A 322 -3.51 -8.69 -24.67
N CYS A 322 -3.70 -8.88 -24.79
CA CYS A 322 -2.44 -8.11 -25.42
CA CYS A 322 -2.53 -8.21 -25.35
C CYS A 322 -1.38 -9.16 -25.69
C CYS A 322 -1.45 -9.25 -25.69
N PRO A 323 -1.08 -9.39 -26.98
CA PRO A 323 -0.03 -10.30 -27.34
C PRO A 323 1.36 -9.81 -26.94
N VAL A 324 2.25 -10.76 -26.74
CA VAL A 324 3.64 -10.53 -26.41
C VAL A 324 4.55 -11.07 -27.52
N HIS A 325 5.52 -10.27 -27.93
CA HIS A 325 6.43 -10.69 -29.01
C HIS A 325 7.88 -10.78 -28.58
N ARG A 326 8.25 -10.25 -27.41
CA ARG A 326 9.63 -10.31 -26.99
C ARG A 326 9.75 -10.32 -25.47
N ILE A 327 10.69 -11.10 -24.95
CA ILE A 327 11.00 -11.09 -23.53
C ILE A 327 12.52 -10.96 -23.34
N LEU A 328 12.94 -9.93 -22.61
CA LEU A 328 14.35 -9.70 -22.28
C LEU A 328 14.61 -10.34 -20.90
N TYR A 329 15.26 -11.48 -20.90
CA TYR A 329 15.50 -12.22 -19.65
C TYR A 329 16.98 -12.10 -19.33
N LYS A 330 17.27 -11.09 -18.50
CA LYS A 330 18.61 -10.66 -18.14
C LYS A 330 19.27 -10.07 -19.39
N ASP A 331 20.12 -10.82 -20.08
CA ASP A 331 20.73 -10.28 -21.30
C ASP A 331 20.24 -11.00 -22.55
N ARG A 332 19.46 -12.06 -22.36
CA ARG A 332 18.96 -12.88 -23.45
C ARG A 332 17.65 -12.31 -23.99
N ASN A 333 17.69 -11.88 -25.25
CA ASN A 333 16.54 -11.25 -25.90
C ASN A 333 15.78 -12.34 -26.64
N LEU A 334 14.58 -12.68 -26.15
CA LEU A 334 13.82 -13.83 -26.62
C LEU A 334 12.65 -13.42 -27.51
N HIS A 335 12.66 -13.89 -28.74
CA HIS A 335 11.51 -13.69 -29.60
C HIS A 335 10.39 -14.67 -29.26
N ILE A 336 9.16 -14.13 -29.13
CA ILE A 336 7.99 -14.90 -28.85
C ILE A 336 7.11 -14.84 -30.10
N PRO A 337 6.83 -16.01 -30.70
CA PRO A 337 6.23 -16.06 -32.03
C PRO A 337 4.70 -15.97 -32.08
N THR A 338 4.14 -15.25 -31.12
CA THR A 338 2.72 -15.03 -31.02
C THR A 338 2.07 -14.59 -32.35
N MET A 339 2.62 -13.56 -32.99
CA MET A 339 1.99 -12.99 -34.17
C MET A 339 2.14 -13.87 -35.40
N GLU A 340 3.25 -14.60 -35.49
CA GLU A 340 3.43 -15.56 -36.58
C GLU A 340 2.45 -16.72 -36.47
N ASN A 341 1.85 -16.91 -35.29
CA ASN A 341 0.89 -17.98 -35.07
C ASN A 341 -0.55 -17.47 -35.13
N GLY A 342 -0.74 -16.34 -35.81
CA GLY A 342 -2.08 -15.80 -36.07
C GLY A 342 -2.21 -14.36 -35.64
N PRO A 343 -2.37 -14.11 -34.33
CA PRO A 343 -2.43 -15.08 -33.22
C PRO A 343 -3.82 -15.69 -33.14
N GLU A 344 -3.91 -16.96 -33.51
CA GLU A 344 -5.21 -17.59 -33.72
C GLU A 344 -6.08 -17.65 -32.48
N LEU A 345 -5.48 -18.00 -31.35
CA LEU A 345 -6.25 -18.11 -30.09
C LEU A 345 -6.68 -16.75 -29.61
N ILE A 346 -5.75 -15.80 -29.63
CA ILE A 346 -6.08 -14.43 -29.23
C ILE A 346 -7.26 -13.92 -30.06
N LEU A 347 -7.16 -14.07 -31.37
CA LEU A 347 -8.21 -13.59 -32.27
C LEU A 347 -9.55 -14.26 -31.99
N ARG A 348 -9.54 -15.56 -31.69
CA ARG A 348 -10.77 -16.26 -31.40
C ARG A 348 -11.40 -15.77 -30.09
N PHE A 349 -10.60 -15.56 -29.05
CA PHE A 349 -11.09 -15.04 -27.78
C PHE A 349 -11.71 -13.64 -27.99
N GLN A 350 -11.00 -12.78 -28.72
CA GLN A 350 -11.46 -11.41 -28.98
C GLN A 350 -12.79 -11.43 -29.73
N LYS A 351 -12.87 -12.28 -30.75
CA LYS A 351 -14.08 -12.42 -31.53
C LYS A 351 -15.28 -12.86 -30.70
N GLU A 352 -15.10 -13.91 -29.89
N GLU A 352 -15.10 -13.90 -29.87
CA GLU A 352 -16.18 -14.45 -29.05
CA GLU A 352 -16.21 -14.43 -29.10
C GLU A 352 -16.60 -13.45 -27.97
C GLU A 352 -16.60 -13.52 -27.91
N LEU A 353 -15.62 -12.84 -27.32
CA LEU A 353 -15.92 -11.85 -26.27
C LEU A 353 -16.67 -10.65 -26.82
N LYS A 354 -16.28 -10.19 -28.01
CA LYS A 354 -16.96 -9.06 -28.66
C LYS A 354 -18.43 -9.38 -28.92
N GLU A 355 -18.70 -10.59 -29.40
CA GLU A 355 -20.07 -11.02 -29.67
C GLU A 355 -20.93 -10.96 -28.43
N ILE A 356 -20.36 -11.36 -27.31
CA ILE A 356 -21.06 -11.39 -26.03
C ILE A 356 -21.20 -9.96 -25.49
N GLN A 357 -20.11 -9.21 -25.49
CA GLN A 357 -20.10 -7.88 -24.88
C GLN A 357 -21.07 -6.90 -25.51
N TYR A 358 -21.13 -6.90 -26.84
CA TYR A 358 -21.94 -5.93 -27.56
C TYR A 358 -23.32 -6.47 -27.91
N GLY A 359 -23.74 -7.53 -27.25
CA GLY A 359 -25.10 -8.06 -27.36
C GLY A 359 -25.44 -8.72 -28.68
N ILE A 360 -24.42 -9.07 -29.46
CA ILE A 360 -24.60 -9.75 -30.74
C ILE A 360 -25.15 -11.15 -30.47
N ARG A 361 -24.62 -11.76 -29.41
CA ARG A 361 -25.08 -13.04 -28.92
C ARG A 361 -25.49 -12.87 -27.46
N ALA A 362 -26.78 -13.05 -27.16
CA ALA A 362 -27.29 -12.95 -25.79
C ALA A 362 -26.58 -13.96 -24.91
N HIS A 363 -26.21 -13.54 -23.69
CA HIS A 363 -25.41 -14.38 -22.80
C HIS A 363 -25.58 -13.97 -21.33
N GLU A 364 -25.61 -14.98 -20.46
CA GLU A 364 -25.77 -14.82 -19.01
C GLU A 364 -24.69 -13.97 -18.33
N TRP A 365 -23.54 -13.89 -18.98
CA TRP A 365 -22.42 -13.07 -18.50
C TRP A 365 -22.70 -11.57 -18.56
N MET A 366 -23.65 -11.15 -19.38
CA MET A 366 -23.96 -9.73 -19.50
C MET A 366 -25.14 -9.33 -18.60
N PHE A 367 -24.95 -8.19 -17.93
CA PHE A 367 -25.92 -7.59 -17.01
C PHE A 367 -26.46 -6.32 -17.67
N PRO A 368 -27.77 -6.28 -17.99
CA PRO A 368 -28.23 -5.07 -18.68
C PRO A 368 -28.39 -3.86 -17.75
N VAL A 369 -28.05 -2.68 -18.29
CA VAL A 369 -28.20 -1.40 -17.63
C VAL A 369 -29.53 -0.76 -18.06
N SER B 7 14.44 21.42 -8.75
CA SER B 7 14.87 22.40 -7.69
C SER B 7 13.81 22.52 -6.60
N SER B 8 14.26 22.31 -5.37
CA SER B 8 13.39 22.24 -4.22
C SER B 8 12.61 23.50 -3.91
N PHE B 9 11.56 23.35 -3.14
CA PHE B 9 10.93 24.47 -2.48
C PHE B 9 12.00 24.99 -1.51
N LYS B 10 11.86 26.26 -1.14
CA LYS B 10 12.82 26.95 -0.27
C LYS B 10 12.13 27.50 0.94
N ALA B 11 12.79 27.39 2.10
CA ALA B 11 12.24 27.96 3.34
C ALA B 11 12.16 29.50 3.25
N ALA B 12 13.03 30.09 2.44
CA ALA B 12 13.00 31.55 2.21
C ALA B 12 11.67 32.04 1.62
N ASP B 13 10.95 31.16 0.90
CA ASP B 13 9.69 31.50 0.23
C ASP B 13 8.43 31.20 1.05
N LEU B 14 8.61 30.81 2.31
CA LEU B 14 7.48 30.50 3.20
C LEU B 14 6.39 31.56 3.27
N GLN B 15 5.19 31.17 2.88
CA GLN B 15 4.01 32.00 3.00
C GLN B 15 3.34 31.60 4.30
N LEU B 16 2.87 32.56 5.08
CA LEU B 16 2.24 32.30 6.37
C LEU B 16 0.81 32.85 6.40
N GLU B 17 -0.07 32.08 7.02
CA GLU B 17 -1.47 32.45 7.21
C GLU B 17 -1.93 31.90 8.55
N MET B 18 -2.12 32.80 9.51
CA MET B 18 -2.51 32.41 10.86
C MET B 18 -4.00 32.10 10.99
N THR B 19 -4.32 31.12 11.83
CA THR B 19 -5.70 30.72 12.06
C THR B 19 -6.47 31.92 12.60
N GLN B 20 -7.74 32.04 12.21
CA GLN B 20 -8.60 33.11 12.70
C GLN B 20 -8.93 32.84 14.14
N LYS B 21 -9.52 31.68 14.42
CA LYS B 21 -9.79 31.26 15.79
C LYS B 21 -8.92 30.06 16.16
N PRO B 22 -7.86 30.29 16.98
CA PRO B 22 -7.07 29.19 17.52
C PRO B 22 -7.95 28.23 18.31
N HIS B 23 -7.71 26.93 18.17
CA HIS B 23 -8.49 25.92 18.88
C HIS B 23 -8.00 25.84 20.33
N LYS B 24 -8.81 25.28 21.20
CA LYS B 24 -8.46 25.19 22.62
C LYS B 24 -7.52 24.01 22.87
N LYS B 25 -6.35 24.29 23.45
CA LYS B 25 -5.40 23.22 23.79
C LYS B 25 -6.03 22.20 24.73
N PRO B 26 -5.54 20.94 24.68
CA PRO B 26 -6.02 19.91 25.62
C PRO B 26 -5.75 20.29 27.10
N GLY B 27 -6.54 19.71 28.01
CA GLY B 27 -6.40 20.00 29.44
C GLY B 27 -5.20 19.32 30.05
N PRO B 31 -5.47 12.69 29.26
CA PRO B 31 -6.25 11.62 28.66
C PRO B 31 -6.23 11.73 27.14
N LEU B 32 -5.08 12.15 26.60
CA LEU B 32 -4.94 12.47 25.18
C LEU B 32 -4.58 11.24 24.35
N VAL B 33 -5.51 10.79 23.50
CA VAL B 33 -5.30 9.62 22.66
C VAL B 33 -4.32 9.94 21.51
N PHE B 34 -3.38 9.03 21.27
CA PHE B 34 -2.34 9.22 20.25
C PHE B 34 -2.89 9.49 18.86
N GLY B 35 -2.40 10.57 18.26
CA GLY B 35 -2.64 10.88 16.87
C GLY B 35 -4.06 11.21 16.47
N LYS B 36 -4.88 11.68 17.43
CA LYS B 36 -6.25 12.09 17.11
C LYS B 36 -6.52 13.57 17.36
N THR B 37 -5.66 14.24 18.13
CA THR B 37 -5.79 15.67 18.41
C THR B 37 -4.68 16.43 17.67
N PHE B 38 -5.06 17.43 16.88
CA PHE B 38 -4.11 18.13 16.02
C PHE B 38 -4.03 19.60 16.35
N THR B 39 -2.92 20.22 15.94
CA THR B 39 -2.65 21.63 16.28
C THR B 39 -3.36 22.59 15.35
N ASP B 40 -3.08 23.89 15.49
CA ASP B 40 -3.76 24.91 14.70
C ASP B 40 -3.33 25.02 13.25
N HIS B 41 -2.05 24.75 12.97
CA HIS B 41 -1.47 24.93 11.63
C HIS B 41 -0.89 23.65 11.02
N MET B 42 -0.57 23.75 9.72
CA MET B 42 0.01 22.68 8.93
C MET B 42 0.92 23.26 7.85
N LEU B 43 1.88 22.47 7.38
CA LEU B 43 2.68 22.85 6.24
C LEU B 43 2.02 22.20 5.04
N MET B 44 2.18 22.85 3.88
N MET B 44 2.19 22.85 3.88
CA MET B 44 1.67 22.36 2.59
CA MET B 44 1.72 22.34 2.61
C MET B 44 2.57 22.88 1.48
C MET B 44 2.59 22.88 1.49
N VAL B 45 2.95 21.99 0.57
CA VAL B 45 3.72 22.35 -0.61
C VAL B 45 3.11 21.51 -1.74
N GLU B 46 2.90 22.16 -2.88
CA GLU B 46 2.38 21.51 -4.09
C GLU B 46 3.46 21.34 -5.13
N TRP B 47 3.39 20.25 -5.89
CA TRP B 47 4.36 20.00 -6.94
C TRP B 47 3.64 19.65 -8.23
N ASN B 48 4.06 20.26 -9.33
CA ASN B 48 3.49 19.92 -10.63
C ASN B 48 4.57 20.04 -11.68
N ASP B 49 4.17 20.12 -12.95
CA ASP B 49 5.12 20.20 -14.06
C ASP B 49 5.94 21.50 -14.01
N LYS B 50 5.44 22.51 -13.30
CA LYS B 50 6.21 23.73 -13.09
C LYS B 50 7.09 23.63 -11.84
N GLY B 51 7.32 22.39 -11.38
CA GLY B 51 8.13 22.12 -10.18
C GLY B 51 7.38 22.35 -8.88
N TRP B 52 8.13 22.58 -7.82
CA TRP B 52 7.58 22.89 -6.52
C TRP B 52 7.10 24.33 -6.41
N GLY B 53 5.92 24.51 -5.84
CA GLY B 53 5.42 25.84 -5.52
C GLY B 53 6.01 26.31 -4.22
N GLN B 54 5.50 27.43 -3.72
CA GLN B 54 6.00 27.98 -2.47
C GLN B 54 5.43 27.23 -1.26
N PRO B 55 6.30 26.89 -0.29
CA PRO B 55 5.78 26.23 0.88
C PRO B 55 4.93 27.20 1.65
N ARG B 56 3.91 26.70 2.34
CA ARG B 56 3.11 27.55 3.15
C ARG B 56 2.69 26.91 4.46
N ILE B 57 2.63 27.74 5.49
CA ILE B 57 2.07 27.38 6.77
C ILE B 57 0.69 27.98 6.77
N GLN B 58 -0.31 27.12 6.90
CA GLN B 58 -1.70 27.55 6.81
C GLN B 58 -2.43 26.93 7.95
N PRO B 59 -3.62 27.45 8.26
CA PRO B 59 -4.38 26.79 9.30
C PRO B 59 -4.70 25.36 8.88
N PHE B 60 -4.83 24.52 9.87
CA PHE B 60 -5.18 23.11 9.70
C PHE B 60 -6.50 23.06 8.94
N GLN B 61 -6.52 22.28 7.86
CA GLN B 61 -7.72 22.24 7.02
C GLN B 61 -7.74 21.02 6.14
N ASN B 62 -8.92 20.71 5.60
CA ASN B 62 -9.03 19.50 4.76
C ASN B 62 -8.25 19.58 3.46
N LEU B 63 -7.96 18.41 2.92
CA LEU B 63 -7.36 18.28 1.63
C LEU B 63 -8.53 18.20 0.64
N THR B 64 -8.35 18.83 -0.52
CA THR B 64 -9.29 18.73 -1.64
C THR B 64 -8.59 17.95 -2.74
N LEU B 65 -9.10 16.77 -3.08
CA LEU B 65 -8.45 15.92 -4.08
C LEU B 65 -9.44 15.44 -5.15
N HIS B 66 -8.93 15.41 -6.36
CA HIS B 66 -9.65 14.85 -7.52
C HIS B 66 -9.92 13.38 -7.20
N PRO B 67 -11.13 12.86 -7.49
CA PRO B 67 -11.46 11.47 -7.12
C PRO B 67 -10.59 10.39 -7.76
N ALA B 68 -9.86 10.74 -8.83
CA ALA B 68 -8.93 9.81 -9.52
C ALA B 68 -7.52 9.95 -8.97
N SER B 69 -7.33 10.73 -7.89
CA SER B 69 -5.98 10.98 -7.35
C SER B 69 -5.23 9.68 -7.11
N SER B 70 -4.02 9.58 -7.67
CA SER B 70 -3.27 8.33 -7.54
C SER B 70 -2.86 7.98 -6.10
N SER B 71 -2.92 8.97 -5.22
CA SER B 71 -2.76 8.74 -3.79
C SER B 71 -3.76 7.72 -3.22
N LEU B 72 -4.95 7.67 -3.82
CA LEU B 72 -6.06 6.92 -3.31
C LEU B 72 -6.30 5.62 -4.08
N HIS B 73 -5.80 5.53 -5.31
CA HIS B 73 -6.02 4.38 -6.14
C HIS B 73 -4.80 3.44 -6.15
N TYR B 74 -3.60 4.02 -6.21
CA TYR B 74 -2.36 3.22 -6.37
C TYR B 74 -1.35 3.47 -5.27
N SER B 75 -1.84 4.01 -4.16
CA SER B 75 -1.04 4.13 -2.93
C SER B 75 0.27 4.88 -3.18
N LEU B 76 0.21 5.96 -3.95
CA LEU B 76 1.42 6.80 -4.11
C LEU B 76 1.45 7.68 -2.88
N GLN B 77 1.95 7.11 -1.78
CA GLN B 77 1.89 7.76 -0.47
C GLN B 77 3.01 7.24 0.44
N LEU B 78 3.63 8.13 1.18
CA LEU B 78 4.63 7.78 2.19
C LEU B 78 4.54 8.81 3.31
N PHE B 79 5.12 8.48 4.45
CA PHE B 79 5.06 9.37 5.61
C PHE B 79 6.28 9.18 6.49
N GLU B 80 6.40 10.09 7.44
CA GLU B 80 7.42 10.04 8.48
C GLU B 80 6.78 10.29 9.82
N GLY B 81 7.58 10.10 10.87
CA GLY B 81 7.10 10.25 12.23
C GLY B 81 8.30 10.56 13.10
N MET B 82 8.26 11.71 13.75
CA MET B 82 9.33 12.10 14.69
C MET B 82 8.73 12.98 15.77
N LYS B 83 9.48 13.17 16.86
CA LYS B 83 8.95 13.89 17.99
C LYS B 83 9.76 15.11 18.33
N ALA B 84 9.04 16.10 18.85
CA ALA B 84 9.63 17.29 19.44
C ALA B 84 9.26 17.29 20.91
N PHE B 85 10.22 17.74 21.73
CA PHE B 85 10.13 17.68 23.18
C PHE B 85 10.47 19.08 23.71
N LYS B 86 9.75 19.51 24.73
CA LYS B 86 9.97 20.81 25.34
C LYS B 86 10.57 20.64 26.72
N GLY B 87 11.77 21.19 26.94
CA GLY B 87 12.43 21.15 28.25
C GLY B 87 11.84 22.13 29.25
N LYS B 88 12.41 22.15 30.45
CA LYS B 88 11.95 23.04 31.53
C LYS B 88 12.08 24.51 31.12
N ASP B 89 13.18 24.85 30.43
CA ASP B 89 13.37 26.23 29.94
C ASP B 89 12.44 26.60 28.76
N GLN B 90 11.51 25.70 28.43
CA GLN B 90 10.53 25.88 27.33
C GLN B 90 11.15 25.81 25.93
N GLN B 91 12.45 25.50 25.83
CA GLN B 91 13.11 25.30 24.55
C GLN B 91 12.58 24.00 23.94
N VAL B 92 12.23 24.07 22.66
CA VAL B 92 11.71 22.90 21.95
C VAL B 92 12.82 22.33 21.09
N ARG B 93 12.91 20.99 21.07
CA ARG B 93 13.94 20.27 20.35
C ARG B 93 13.39 19.06 19.60
N LEU B 94 13.86 18.86 18.37
CA LEU B 94 13.52 17.68 17.59
C LEU B 94 14.61 16.63 17.77
N PHE B 95 14.19 15.37 17.89
CA PHE B 95 15.14 14.25 18.04
C PHE B 95 15.60 13.74 16.67
N ARG B 96 16.90 13.86 16.42
CA ARG B 96 17.59 13.37 15.23
C ARG B 96 16.77 13.51 13.93
N PRO B 97 16.21 14.71 13.67
CA PRO B 97 15.29 14.86 12.50
C PRO B 97 15.94 14.62 11.13
N TRP B 98 17.24 14.80 11.05
CA TRP B 98 17.96 14.65 9.80
C TRP B 98 17.79 13.22 9.31
N LEU B 99 17.69 12.27 10.23
CA LEU B 99 17.51 10.88 9.83
C LEU B 99 16.11 10.64 9.26
N ASN B 100 15.09 11.32 9.79
CA ASN B 100 13.76 11.18 9.19
C ASN B 100 13.70 11.79 7.81
N MET B 101 14.38 12.92 7.63
CA MET B 101 14.49 13.53 6.29
C MET B 101 15.16 12.62 5.28
N ASP B 102 16.28 12.00 5.64
CA ASP B 102 17.01 11.07 4.78
C ASP B 102 16.05 9.92 4.41
N ARG B 103 15.33 9.43 5.39
CA ARG B 103 14.44 8.29 5.16
C ARG B 103 13.28 8.66 4.24
N MET B 104 12.72 9.84 4.48
CA MET B 104 11.62 10.36 3.67
C MET B 104 12.04 10.46 2.20
N LEU B 105 13.25 10.97 1.96
CA LEU B 105 13.74 11.11 0.60
C LEU B 105 13.92 9.76 -0.10
N ARG B 106 14.43 8.76 0.63
CA ARG B 106 14.55 7.41 0.10
C ARG B 106 13.15 6.89 -0.30
N SER B 107 12.17 7.10 0.59
CA SER B 107 10.80 6.63 0.31
C SER B 107 10.27 7.31 -0.95
N ALA B 108 10.46 8.63 -1.04
CA ALA B 108 9.99 9.40 -2.20
C ALA B 108 10.59 8.85 -3.52
N MET B 109 11.89 8.59 -3.52
CA MET B 109 12.55 8.03 -4.70
C MET B 109 11.96 6.66 -5.09
N ARG B 110 11.72 5.83 -4.10
CA ARG B 110 11.17 4.49 -4.33
C ARG B 110 9.80 4.51 -4.99
N LEU B 111 9.04 5.58 -4.75
CA LEU B 111 7.69 5.74 -5.33
C LEU B 111 7.62 6.72 -6.50
N CYS B 112 8.79 7.09 -7.03
CA CYS B 112 8.85 8.06 -8.14
C CYS B 112 8.10 9.38 -7.83
N LEU B 113 8.22 9.82 -6.59
CA LEU B 113 7.60 11.06 -6.16
C LEU B 113 8.76 12.07 -6.16
N PRO B 114 8.44 13.36 -6.22
CA PRO B 114 9.48 14.37 -6.43
C PRO B 114 10.45 14.55 -5.28
N SER B 115 11.73 14.66 -5.64
CA SER B 115 12.81 14.92 -4.71
C SER B 115 12.61 16.33 -4.14
N PHE B 116 13.13 16.54 -2.93
CA PHE B 116 13.10 17.86 -2.28
C PHE B 116 14.40 18.01 -1.51
N ASP B 117 14.66 19.21 -1.00
CA ASP B 117 15.87 19.47 -0.25
C ASP B 117 15.61 19.19 1.24
N LYS B 118 16.36 18.24 1.79
CA LYS B 118 16.15 17.80 3.17
C LYS B 118 16.28 18.92 4.22
N LEU B 119 17.25 19.80 4.07
CA LEU B 119 17.41 20.92 5.00
C LEU B 119 16.33 22.00 4.81
N GLU B 120 15.84 22.19 3.57
CA GLU B 120 14.75 23.14 3.33
C GLU B 120 13.47 22.63 3.97
N LEU B 121 13.22 21.31 3.86
CA LEU B 121 12.04 20.77 4.54
C LEU B 121 12.17 20.88 6.05
N LEU B 122 13.34 20.55 6.55
CA LEU B 122 13.55 20.58 8.01
C LEU B 122 13.31 21.99 8.55
N GLU B 123 13.77 23.00 7.83
CA GLU B 123 13.55 24.39 8.26
C GLU B 123 12.07 24.76 8.21
N CYS B 124 11.36 24.31 7.16
CA CYS B 124 9.93 24.58 7.10
C CYS B 124 9.21 23.94 8.28
N ILE B 125 9.58 22.69 8.59
CA ILE B 125 9.05 22.02 9.73
C ILE B 125 9.41 22.78 11.03
N ARG B 126 10.65 23.26 11.13
CA ARG B 126 11.02 24.07 12.30
C ARG B 126 10.12 25.31 12.47
N ARG B 127 9.95 26.04 11.37
CA ARG B 127 9.08 27.22 11.35
C ARG B 127 7.67 26.83 11.75
N LEU B 128 7.20 25.69 11.26
CA LEU B 128 5.87 25.23 11.62
C LEU B 128 5.71 24.93 13.09
N ILE B 129 6.67 24.23 13.66
CA ILE B 129 6.58 23.91 15.09
C ILE B 129 6.74 25.21 15.89
N GLU B 130 7.62 26.11 15.41
CA GLU B 130 7.80 27.44 16.03
C GLU B 130 6.47 28.17 16.09
N VAL B 131 5.70 28.14 15.00
CA VAL B 131 4.38 28.79 14.99
C VAL B 131 3.46 28.17 16.03
N ASP B 132 3.44 26.83 16.10
CA ASP B 132 2.58 26.13 17.05
C ASP B 132 3.33 25.69 18.32
N LYS B 133 4.40 26.40 18.68
CA LYS B 133 5.22 26.01 19.85
C LYS B 133 4.42 25.85 21.15
N ASP B 134 3.40 26.68 21.36
CA ASP B 134 2.56 26.55 22.54
C ASP B 134 1.77 25.24 22.61
N TRP B 135 1.68 24.51 21.50
CA TRP B 135 1.03 23.19 21.49
C TRP B 135 1.94 22.06 22.02
N VAL B 136 3.25 22.29 22.06
CA VAL B 136 4.16 21.27 22.58
C VAL B 136 4.02 21.22 24.10
N PRO B 137 3.53 20.08 24.64
CA PRO B 137 3.43 20.00 26.09
C PRO B 137 4.80 19.84 26.76
N ASP B 138 4.84 20.03 28.07
CA ASP B 138 6.08 19.93 28.83
C ASP B 138 5.97 19.03 30.06
N ALA B 139 4.87 18.30 30.16
CA ALA B 139 4.67 17.38 31.26
C ALA B 139 5.47 16.12 31.02
N ALA B 140 5.70 15.37 32.09
CA ALA B 140 6.48 14.15 32.05
C ALA B 140 5.94 13.17 31.01
N GLY B 141 6.82 12.70 30.12
CA GLY B 141 6.46 11.72 29.11
C GLY B 141 5.68 12.25 27.92
N THR B 142 5.54 13.58 27.82
CA THR B 142 4.77 14.19 26.73
C THR B 142 5.68 14.78 25.67
N SER B 143 5.11 14.91 24.47
CA SER B 143 5.84 15.36 23.32
C SER B 143 4.85 15.80 22.25
N LEU B 144 5.39 16.32 21.17
CA LEU B 144 4.62 16.67 19.97
C LEU B 144 5.06 15.70 18.87
N TYR B 145 4.09 14.97 18.32
CA TYR B 145 4.36 14.05 17.21
C TYR B 145 4.21 14.82 15.90
N VAL B 146 5.21 14.65 15.05
CA VAL B 146 5.31 15.34 13.78
C VAL B 146 5.14 14.32 12.67
N ARG B 147 4.16 14.59 11.79
CA ARG B 147 3.75 13.65 10.72
C ARG B 147 3.84 14.34 9.36
N PRO B 148 5.04 14.29 8.75
CA PRO B 148 5.18 14.69 7.36
C PRO B 148 4.58 13.60 6.44
N VAL B 149 4.04 14.00 5.31
CA VAL B 149 3.44 13.10 4.36
C VAL B 149 3.74 13.62 2.94
N LEU B 150 4.01 12.70 2.01
CA LEU B 150 4.17 13.04 0.61
C LEU B 150 3.34 12.08 -0.23
N ILE B 151 2.44 12.63 -1.05
CA ILE B 151 1.49 11.85 -1.86
C ILE B 151 1.49 12.27 -3.32
N GLY B 152 1.28 11.29 -4.21
CA GLY B 152 1.08 11.55 -5.60
C GLY B 152 -0.34 12.07 -5.75
N ASN B 153 -0.58 12.82 -6.83
CA ASN B 153 -1.91 13.40 -7.00
C ASN B 153 -2.25 13.60 -8.47
N GLU B 154 -2.01 12.54 -9.25
CA GLU B 154 -2.30 12.49 -10.68
C GLU B 154 -3.77 12.11 -10.84
N PRO B 155 -4.55 12.91 -11.59
CA PRO B 155 -5.96 12.61 -11.80
C PRO B 155 -6.12 11.64 -12.97
N SER B 156 -5.56 10.45 -12.83
CA SER B 156 -5.53 9.46 -13.92
C SER B 156 -5.55 8.06 -13.37
N LEU B 157 -6.32 7.18 -14.00
CA LEU B 157 -6.36 5.79 -13.62
C LEU B 157 -5.23 4.94 -14.22
N GLY B 158 -4.36 5.52 -15.02
CA GLY B 158 -3.20 4.77 -15.57
C GLY B 158 -2.20 4.60 -14.41
N VAL B 159 -1.60 3.42 -14.30
CA VAL B 159 -0.58 3.22 -13.26
C VAL B 159 0.67 3.85 -13.85
N SER B 160 1.05 5.01 -13.33
CA SER B 160 2.09 5.82 -13.96
C SER B 160 2.81 6.70 -12.94
N GLN B 161 3.99 7.21 -13.30
CA GLN B 161 4.69 8.20 -12.46
C GLN B 161 3.86 9.45 -12.40
N PRO B 162 3.57 9.94 -11.18
CA PRO B 162 2.73 11.13 -11.10
C PRO B 162 3.44 12.41 -11.58
N THR B 163 2.65 13.29 -12.20
CA THR B 163 3.12 14.60 -12.63
C THR B 163 2.64 15.68 -11.66
N ARG B 164 1.97 15.28 -10.58
CA ARG B 164 1.55 16.18 -9.52
C ARG B 164 1.76 15.46 -8.19
N ALA B 165 2.02 16.22 -7.13
CA ALA B 165 2.21 15.66 -5.79
C ALA B 165 1.94 16.74 -4.74
N LEU B 166 1.63 16.29 -3.51
N LEU B 166 1.67 16.28 -3.51
CA LEU B 166 1.40 17.18 -2.38
CA LEU B 166 1.40 17.17 -2.38
C LEU B 166 2.28 16.71 -1.22
C LEU B 166 2.23 16.72 -1.17
N LEU B 167 2.90 17.66 -0.53
CA LEU B 167 3.72 17.36 0.66
C LEU B 167 3.11 18.18 1.75
N PHE B 168 2.70 17.55 2.84
CA PHE B 168 2.14 18.27 3.95
C PHE B 168 2.67 17.74 5.28
N VAL B 169 2.52 18.53 6.31
CA VAL B 169 2.97 18.17 7.65
C VAL B 169 1.91 18.63 8.66
N ILE B 170 1.49 17.70 9.51
CA ILE B 170 0.55 17.94 10.57
C ILE B 170 1.21 17.54 11.90
N LEU B 171 0.71 18.10 12.99
CA LEU B 171 1.26 17.88 14.36
C LEU B 171 0.17 17.46 15.35
N CYS B 172 0.54 16.60 16.30
CA CYS B 172 -0.35 16.07 17.32
C CYS B 172 0.37 16.14 18.67
N PRO B 173 -0.21 16.83 19.67
CA PRO B 173 0.37 16.65 21.00
C PRO B 173 0.12 15.22 21.46
N VAL B 174 1.09 14.60 22.12
CA VAL B 174 0.83 13.27 22.63
C VAL B 174 1.16 13.19 24.12
N GLY B 175 0.45 12.31 24.81
CA GLY B 175 0.65 12.12 26.23
C GLY B 175 1.69 11.06 26.47
N ALA B 176 1.84 10.71 27.75
CA ALA B 176 2.76 9.66 28.16
C ALA B 176 2.21 8.30 27.75
N TYR B 177 3.01 7.50 27.05
CA TYR B 177 2.58 6.16 26.67
C TYR B 177 2.46 5.24 27.90
N PHE B 178 3.38 5.39 28.85
CA PHE B 178 3.34 4.63 30.10
C PHE B 178 2.98 5.54 31.29
N PRO B 179 2.37 4.97 32.36
CA PRO B 179 2.03 5.79 33.53
C PRO B 179 3.23 6.06 34.44
N GLY B 180 3.68 7.32 34.47
CA GLY B 180 4.81 7.71 35.32
C GLY B 180 6.14 7.07 34.93
N GLY B 181 6.32 6.77 33.65
CA GLY B 181 7.55 6.14 33.15
C GLY B 181 7.72 4.66 33.47
N SER B 182 6.63 3.99 33.84
CA SER B 182 6.66 2.58 34.20
C SER B 182 6.25 1.69 33.03
N VAL B 183 7.25 1.11 32.36
CA VAL B 183 7.01 0.23 31.21
C VAL B 183 6.12 -0.97 31.59
N THR B 184 5.12 -1.23 30.74
CA THR B 184 4.19 -2.37 30.86
C THR B 184 4.44 -3.29 29.65
N PRO B 185 4.60 -4.60 29.88
CA PRO B 185 4.97 -5.50 28.79
C PRO B 185 3.79 -6.01 27.96
N VAL B 186 4.06 -6.49 26.74
CA VAL B 186 3.01 -7.02 25.87
C VAL B 186 3.25 -8.45 25.45
N SER B 187 2.17 -9.12 25.04
CA SER B 187 2.25 -10.46 24.47
C SER B 187 2.24 -10.35 22.98
N LEU B 188 2.88 -11.30 22.31
CA LEU B 188 3.00 -11.34 20.87
C LEU B 188 2.51 -12.66 20.30
N LEU B 189 1.89 -12.58 19.13
CA LEU B 189 1.51 -13.75 18.37
C LEU B 189 2.56 -13.97 17.29
N ALA B 190 3.18 -15.15 17.27
CA ALA B 190 4.24 -15.47 16.32
C ALA B 190 3.76 -16.54 15.33
N ASP B 191 3.01 -16.12 14.32
CA ASP B 191 2.47 -17.03 13.30
C ASP B 191 3.08 -16.72 11.94
N PRO B 192 3.78 -17.70 11.35
CA PRO B 192 4.45 -17.49 10.07
C PRO B 192 3.58 -17.36 8.81
N ALA B 193 2.27 -17.59 8.95
CA ALA B 193 1.35 -17.38 7.85
C ALA B 193 1.35 -15.94 7.35
N PHE B 194 1.56 -14.99 8.25
CA PHE B 194 1.50 -13.54 7.98
C PHE B 194 2.88 -12.97 7.68
N ILE B 195 3.10 -12.47 6.47
CA ILE B 195 4.44 -11.95 6.09
C ILE B 195 4.37 -10.44 5.76
N ARG B 196 5.05 -9.64 6.60
CA ARG B 196 5.02 -8.19 6.53
C ARG B 196 5.73 -7.63 5.31
N ALA B 197 6.78 -8.32 4.87
CA ALA B 197 7.73 -7.76 3.93
C ALA B 197 8.65 -8.86 3.43
N TRP B 198 9.17 -8.66 2.23
N TRP B 198 9.23 -8.67 2.26
CA TRP B 198 9.99 -9.66 1.52
CA TRP B 198 10.11 -9.68 1.69
C TRP B 198 11.30 -9.02 1.05
C TRP B 198 11.32 -9.01 1.10
N VAL B 199 12.39 -9.77 0.95
CA VAL B 199 13.62 -9.24 0.36
C VAL B 199 13.29 -8.90 -1.10
N GLY B 200 13.64 -7.69 -1.53
CA GLY B 200 13.30 -7.20 -2.85
C GLY B 200 12.05 -6.34 -2.86
N GLY B 201 11.30 -6.38 -1.75
CA GLY B 201 10.09 -5.60 -1.61
C GLY B 201 10.38 -4.19 -1.12
N VAL B 202 9.44 -3.64 -0.36
CA VAL B 202 9.53 -2.24 0.09
C VAL B 202 9.30 -2.09 1.60
N GLY B 203 9.50 -3.16 2.35
CA GLY B 203 9.32 -3.15 3.80
C GLY B 203 10.28 -2.24 4.52
N ASN B 204 11.40 -1.91 3.87
CA ASN B 204 12.37 -1.04 4.46
C ASN B 204 12.17 0.43 4.12
N TYR B 205 11.01 0.76 3.55
CA TYR B 205 10.62 2.14 3.32
C TYR B 205 9.32 2.41 4.08
N LYS B 206 9.13 3.64 4.51
CA LYS B 206 7.94 3.96 5.29
C LYS B 206 6.78 4.42 4.36
N LEU B 207 6.23 3.44 3.67
CA LEU B 207 5.20 3.61 2.66
C LEU B 207 3.86 3.17 3.22
N GLY B 208 2.79 3.93 2.94
CA GLY B 208 1.49 3.58 3.47
C GLY B 208 1.07 2.13 3.22
N GLY B 209 1.42 1.64 2.03
CA GLY B 209 1.07 0.32 1.59
C GLY B 209 1.52 -0.80 2.50
N ASN B 210 2.55 -0.54 3.29
CA ASN B 210 3.03 -1.53 4.22
C ASN B 210 2.17 -1.72 5.45
N TYR B 211 1.23 -0.80 5.70
CA TYR B 211 0.53 -0.79 6.98
C TYR B 211 -0.92 -1.30 6.92
N GLY B 212 -1.65 -0.90 5.89
CA GLY B 212 -3.03 -1.34 5.77
C GLY B 212 -3.23 -2.84 5.90
N PRO B 213 -2.40 -3.66 5.22
CA PRO B 213 -2.57 -5.12 5.27
C PRO B 213 -2.32 -5.75 6.66
N THR B 214 -1.72 -4.99 7.56
CA THR B 214 -1.41 -5.49 8.89
C THR B 214 -2.57 -5.33 9.88
N VAL B 215 -3.58 -4.54 9.52
CA VAL B 215 -4.69 -4.27 10.46
C VAL B 215 -5.45 -5.54 10.79
N LEU B 216 -5.78 -6.35 9.78
CA LEU B 216 -6.46 -7.63 9.99
C LEU B 216 -5.56 -8.59 10.76
N VAL B 217 -4.24 -8.50 10.54
CA VAL B 217 -3.32 -9.41 11.22
C VAL B 217 -3.34 -9.15 12.71
N GLN B 218 -3.33 -7.86 13.07
N GLN B 218 -3.33 -7.88 13.10
CA GLN B 218 -3.39 -7.40 14.46
CA GLN B 218 -3.36 -7.53 14.52
C GLN B 218 -4.72 -7.85 15.10
C GLN B 218 -4.73 -7.90 15.12
N GLN B 219 -5.80 -7.72 14.35
CA GLN B 219 -7.11 -8.21 14.82
C GLN B 219 -7.08 -9.70 15.15
N GLU B 220 -6.42 -10.49 14.30
CA GLU B 220 -6.27 -11.93 14.53
C GLU B 220 -5.41 -12.24 15.75
N ALA B 221 -4.38 -11.42 16.00
CA ALA B 221 -3.59 -11.56 17.22
C ALA B 221 -4.47 -11.34 18.45
N LEU B 222 -5.26 -10.27 18.44
CA LEU B 222 -6.16 -9.93 19.55
C LEU B 222 -7.17 -11.04 19.80
N LYS B 223 -7.66 -11.66 18.74
CA LYS B 223 -8.58 -12.80 18.89
C LYS B 223 -7.92 -13.98 19.57
N ARG B 224 -6.63 -14.19 19.30
N ARG B 224 -6.64 -14.19 19.29
CA ARG B 224 -5.90 -15.28 19.93
CA ARG B 224 -5.89 -15.28 19.93
C ARG B 224 -5.30 -14.87 21.29
C ARG B 224 -5.30 -14.87 21.29
N GLY B 225 -5.77 -13.75 21.84
CA GLY B 225 -5.33 -13.26 23.15
C GLY B 225 -3.97 -12.60 23.24
N CYS B 226 -3.43 -12.16 22.10
CA CYS B 226 -2.13 -11.49 22.06
C CYS B 226 -2.31 -10.02 21.69
N GLU B 227 -1.39 -9.18 22.14
CA GLU B 227 -1.53 -7.74 21.96
C GLU B 227 -0.92 -7.18 20.67
N GLN B 228 0.13 -7.81 20.19
CA GLN B 228 0.82 -7.35 18.98
C GLN B 228 1.31 -8.56 18.18
N VAL B 229 1.77 -8.29 16.96
CA VAL B 229 2.27 -9.29 16.05
C VAL B 229 3.78 -9.33 16.04
N LEU B 230 4.35 -10.49 16.30
CA LEU B 230 5.77 -10.74 16.02
C LEU B 230 5.91 -11.23 14.58
N TRP B 231 6.49 -10.39 13.72
CA TRP B 231 6.58 -10.67 12.30
C TRP B 231 7.71 -11.63 11.99
N LEU B 232 7.36 -12.84 11.58
CA LEU B 232 8.38 -13.84 11.22
C LEU B 232 8.68 -13.87 9.72
N TYR B 233 9.91 -14.21 9.37
CA TYR B 233 10.32 -14.28 7.98
C TYR B 233 11.22 -15.49 7.68
N GLY B 234 11.02 -16.12 6.53
CA GLY B 234 11.88 -17.21 6.07
C GLY B 234 11.48 -18.55 6.63
N PRO B 235 12.02 -19.62 6.03
CA PRO B 235 11.69 -20.98 6.48
C PRO B 235 12.25 -21.28 7.88
N ASP B 236 13.24 -20.51 8.32
CA ASP B 236 13.84 -20.63 9.65
C ASP B 236 13.25 -19.67 10.71
N HIS B 237 12.09 -19.08 10.39
CA HIS B 237 11.35 -18.21 11.31
C HIS B 237 12.15 -17.09 12.00
N GLN B 238 12.75 -16.24 11.19
CA GLN B 238 13.52 -15.10 11.67
C GLN B 238 12.57 -14.10 12.32
N LEU B 239 12.98 -13.53 13.46
CA LEU B 239 12.22 -12.48 14.14
C LEU B 239 12.60 -11.17 13.46
N THR B 240 11.64 -10.46 12.90
CA THR B 240 12.00 -9.23 12.14
C THR B 240 11.59 -7.96 12.86
N GLU B 241 10.31 -7.83 13.12
CA GLU B 241 9.77 -6.65 13.78
C GLU B 241 8.61 -7.06 14.64
N VAL B 242 8.19 -6.14 15.49
N VAL B 242 8.20 -6.15 15.51
CA VAL B 242 7.08 -6.38 16.38
CA VAL B 242 7.07 -6.37 16.38
C VAL B 242 6.10 -5.23 16.23
C VAL B 242 6.10 -5.22 16.22
N GLY B 243 4.93 -5.52 15.64
CA GLY B 243 3.96 -4.50 15.34
C GLY B 243 4.56 -3.50 14.36
N THR B 244 4.56 -2.25 14.76
CA THR B 244 5.19 -1.15 14.03
C THR B 244 6.52 -0.76 14.68
N MET B 245 7.18 -1.70 15.37
CA MET B 245 8.42 -1.39 16.11
C MET B 245 9.51 -2.36 15.75
N ASN B 246 10.77 -1.92 15.84
CA ASN B 246 11.92 -2.80 15.65
C ASN B 246 12.06 -3.66 16.90
N ILE B 247 12.70 -4.81 16.77
CA ILE B 247 12.82 -5.76 17.89
C ILE B 247 14.29 -5.89 18.31
N PHE B 248 14.48 -5.98 19.63
CA PHE B 248 15.80 -6.11 20.23
C PHE B 248 15.76 -7.29 21.20
N VAL B 249 16.86 -8.02 21.27
CA VAL B 249 17.04 -9.08 22.27
C VAL B 249 18.32 -8.83 23.05
N TYR B 250 18.23 -8.89 24.37
CA TYR B 250 19.36 -8.74 25.29
C TYR B 250 19.54 -10.10 25.93
N TRP B 251 20.65 -10.76 25.64
CA TRP B 251 20.83 -12.14 26.03
C TRP B 251 22.30 -12.54 26.08
N THR B 252 22.60 -13.69 26.69
CA THR B 252 23.93 -14.29 26.55
C THR B 252 23.84 -15.18 25.31
N HIS B 253 24.66 -14.89 24.31
CA HIS B 253 24.63 -15.64 23.06
C HIS B 253 25.22 -17.05 23.22
N GLU B 254 25.00 -17.89 22.22
CA GLU B 254 25.49 -19.27 22.19
C GLU B 254 27.00 -19.42 22.43
N ASP B 255 27.79 -18.38 22.12
CA ASP B 255 29.22 -18.39 22.42
C ASP B 255 29.56 -17.84 23.82
N GLY B 256 28.57 -17.79 24.70
CA GLY B 256 28.77 -17.34 26.08
C GLY B 256 28.90 -15.84 26.32
N VAL B 257 28.90 -15.04 25.25
CA VAL B 257 29.09 -13.60 25.37
C VAL B 257 27.76 -12.86 25.49
N LEU B 258 27.64 -12.02 26.54
CA LEU B 258 26.47 -11.15 26.76
C LEU B 258 26.38 -10.15 25.62
N GLU B 259 25.20 -10.04 25.00
CA GLU B 259 25.04 -9.13 23.87
C GLU B 259 23.62 -8.57 23.73
N LEU B 260 23.55 -7.40 23.05
CA LEU B 260 22.28 -6.83 22.60
C LEU B 260 22.28 -7.08 21.09
N VAL B 261 21.24 -7.73 20.56
CA VAL B 261 21.17 -8.03 19.13
C VAL B 261 19.84 -7.50 18.55
N THR B 262 19.91 -7.08 17.28
CA THR B 262 18.71 -6.65 16.54
C THR B 262 18.92 -7.14 15.10
N PRO B 263 17.84 -7.48 14.39
CA PRO B 263 18.05 -7.96 13.03
C PRO B 263 18.70 -6.90 12.14
N PRO B 264 19.57 -7.33 11.23
CA PRO B 264 20.29 -6.42 10.35
C PRO B 264 19.40 -5.88 9.27
N LEU B 265 19.85 -4.82 8.62
CA LEU B 265 19.06 -4.17 7.59
C LEU B 265 19.24 -4.86 6.24
N ASN B 266 18.58 -6.00 6.10
CA ASN B 266 18.67 -6.82 4.90
C ASN B 266 17.50 -6.64 3.93
N GLY B 267 16.64 -5.65 4.15
CA GLY B 267 15.50 -5.42 3.25
C GLY B 267 14.13 -5.52 3.90
N VAL B 268 13.97 -6.45 4.83
CA VAL B 268 12.68 -6.63 5.51
C VAL B 268 12.58 -5.87 6.83
N ILE B 269 13.56 -5.01 7.13
CA ILE B 269 13.56 -4.22 8.36
C ILE B 269 13.49 -2.73 8.04
N LEU B 270 12.57 -2.03 8.68
CA LEU B 270 12.47 -0.61 8.58
C LEU B 270 13.58 -0.02 9.46
N PRO B 271 14.46 0.81 8.89
CA PRO B 271 15.58 1.26 9.72
C PRO B 271 15.15 2.37 10.69
N GLY B 272 14.66 2.00 11.87
CA GLY B 272 14.17 2.97 12.83
C GLY B 272 15.25 3.91 13.38
N VAL B 273 14.84 5.14 13.64
CA VAL B 273 15.70 6.15 14.27
C VAL B 273 15.94 5.76 15.74
N VAL B 274 14.92 5.25 16.40
CA VAL B 274 15.12 4.82 17.80
C VAL B 274 16.08 3.62 17.79
N ARG B 275 15.83 2.64 16.93
CA ARG B 275 16.71 1.47 16.76
C ARG B 275 18.18 1.84 16.62
N GLN B 276 18.48 2.71 15.67
CA GLN B 276 19.84 3.15 15.45
C GLN B 276 20.38 3.86 16.70
N SER B 277 19.53 4.61 17.39
CA SER B 277 19.93 5.34 18.60
C SER B 277 20.30 4.40 19.74
N LEU B 278 19.52 3.33 19.92
CA LEU B 278 19.81 2.33 20.94
C LEU B 278 21.12 1.62 20.68
N LEU B 279 21.35 1.24 19.43
CA LEU B 279 22.64 0.67 19.00
C LEU B 279 23.78 1.63 19.30
N ASP B 280 23.59 2.89 18.96
CA ASP B 280 24.60 3.95 19.18
C ASP B 280 24.94 4.11 20.66
N MET B 281 23.91 4.15 21.49
CA MET B 281 24.08 4.30 22.93
C MET B 281 24.80 3.12 23.54
N ALA B 282 24.36 1.91 23.18
CA ALA B 282 24.95 0.68 23.72
C ALA B 282 26.42 0.50 23.30
N GLN B 283 26.73 0.82 22.05
CA GLN B 283 28.12 0.80 21.58
C GLN B 283 28.97 1.80 22.35
N THR B 284 28.44 3.00 22.57
CA THR B 284 29.14 4.03 23.31
C THR B 284 29.46 3.61 24.75
N TRP B 285 28.55 2.91 25.41
CA TRP B 285 28.85 2.44 26.76
C TRP B 285 30.05 1.47 26.76
N GLY B 286 30.14 0.65 25.73
CA GLY B 286 31.23 -0.33 25.59
C GLY B 286 31.23 -1.42 26.66
N GLU B 287 30.06 -1.72 27.20
CA GLU B 287 29.92 -2.68 28.33
C GLU B 287 29.52 -4.10 27.96
N PHE B 288 29.01 -4.29 26.74
CA PHE B 288 28.62 -5.61 26.23
C PHE B 288 28.60 -5.60 24.71
N ARG B 289 28.59 -6.77 24.08
CA ARG B 289 28.60 -6.86 22.62
C ARG B 289 27.30 -6.29 22.06
N VAL B 290 27.41 -5.54 20.97
CA VAL B 290 26.27 -4.94 20.29
C VAL B 290 26.41 -5.36 18.84
N VAL B 291 25.40 -6.05 18.33
CA VAL B 291 25.50 -6.67 17.03
C VAL B 291 24.16 -6.64 16.27
N GLU B 292 24.26 -6.62 14.94
CA GLU B 292 23.11 -6.74 14.08
C GLU B 292 23.23 -8.09 13.38
N ARG B 293 22.42 -9.04 13.82
CA ARG B 293 22.45 -10.40 13.31
C ARG B 293 21.05 -10.96 13.24
N THR B 294 20.82 -11.86 12.30
CA THR B 294 19.54 -12.56 12.20
C THR B 294 19.26 -13.27 13.52
N ILE B 295 18.00 -13.25 13.93
CA ILE B 295 17.55 -13.92 15.16
C ILE B 295 16.47 -14.91 14.75
N THR B 296 16.67 -16.19 15.03
CA THR B 296 15.69 -17.22 14.66
C THR B 296 14.89 -17.66 15.89
N MET B 297 13.69 -18.19 15.67
CA MET B 297 12.90 -18.73 16.76
C MET B 297 13.66 -19.92 17.38
N LYS B 298 14.39 -20.67 16.55
CA LYS B 298 15.20 -21.80 17.01
C LYS B 298 16.20 -21.32 18.06
N GLN B 299 16.95 -20.28 17.73
CA GLN B 299 17.89 -19.68 18.68
C GLN B 299 17.21 -19.17 19.92
N LEU B 300 16.01 -18.59 19.77
CA LEU B 300 15.32 -18.02 20.91
C LEU B 300 14.84 -19.10 21.87
N LEU B 301 14.25 -20.15 21.31
CA LEU B 301 13.74 -21.28 22.13
C LEU B 301 14.86 -21.96 22.92
N ARG B 302 16.01 -22.16 22.28
CA ARG B 302 17.15 -22.76 22.96
C ARG B 302 17.68 -21.85 24.06
N ALA B 303 17.86 -20.57 23.73
CA ALA B 303 18.29 -19.59 24.72
C ALA B 303 17.33 -19.49 25.89
N LEU B 304 16.02 -19.59 25.63
CA LEU B 304 15.03 -19.55 26.71
C LEU B 304 15.11 -20.83 27.57
N GLU B 305 15.42 -21.97 26.97
CA GLU B 305 15.56 -23.21 27.78
C GLU B 305 16.77 -23.13 28.72
N GLU B 306 17.86 -22.58 28.21
CA GLU B 306 19.10 -22.47 28.97
C GLU B 306 19.17 -21.20 29.82
N GLY B 307 18.06 -20.47 29.93
CA GLY B 307 17.97 -19.26 30.76
C GLY B 307 18.84 -18.07 30.37
N ARG B 308 19.25 -18.00 29.10
CA ARG B 308 20.16 -16.95 28.63
C ARG B 308 19.51 -15.62 28.17
N VAL B 309 18.18 -15.58 28.09
CA VAL B 309 17.47 -14.35 27.65
C VAL B 309 17.15 -13.44 28.83
N ARG B 310 17.62 -12.20 28.76
CA ARG B 310 17.34 -11.22 29.79
C ARG B 310 16.14 -10.31 29.46
N GLU B 311 16.16 -9.69 28.28
CA GLU B 311 15.13 -8.73 27.90
C GLU B 311 14.83 -8.79 26.41
N VAL B 312 13.54 -8.68 26.09
CA VAL B 312 13.08 -8.57 24.70
C VAL B 312 12.21 -7.33 24.61
N PHE B 313 12.43 -6.47 23.61
CA PHE B 313 11.59 -5.26 23.50
C PHE B 313 11.47 -4.69 22.09
N GLY B 314 10.47 -3.86 21.91
CA GLY B 314 10.29 -3.14 20.65
C GLY B 314 10.84 -1.73 20.81
N SER B 315 11.24 -1.13 19.70
CA SER B 315 11.67 0.26 19.67
C SER B 315 10.92 1.01 18.57
N GLY B 316 10.62 2.27 18.82
CA GLY B 316 9.91 3.12 17.83
C GLY B 316 9.53 4.45 18.39
N THR B 317 9.31 5.42 17.52
CA THR B 317 9.08 6.79 18.00
C THR B 317 7.85 6.96 18.91
N ALA B 318 6.70 6.41 18.53
CA ALA B 318 5.48 6.69 19.31
C ALA B 318 5.57 6.21 20.75
N CYS B 319 6.12 5.01 20.93
CA CYS B 319 6.13 4.38 22.25
C CYS B 319 7.53 4.25 22.86
N GLN B 320 8.54 4.71 22.14
CA GLN B 320 9.95 4.62 22.58
C GLN B 320 10.45 3.16 22.72
N VAL B 321 10.35 2.55 23.91
CA VAL B 321 10.85 1.19 24.10
C VAL B 321 9.77 0.44 24.88
N CYS B 322 9.36 -0.71 24.35
N CYS B 322 9.31 -0.70 24.37
CA CYS B 322 8.27 -1.51 24.91
CA CYS B 322 8.21 -1.42 25.02
C CYS B 322 8.70 -2.94 25.23
C CYS B 322 8.52 -2.90 25.24
N PRO B 323 8.63 -3.34 26.52
CA PRO B 323 9.02 -4.70 26.86
C PRO B 323 8.01 -5.77 26.43
N VAL B 324 8.53 -6.99 26.23
CA VAL B 324 7.74 -8.15 25.81
C VAL B 324 7.88 -9.26 26.87
N HIS B 325 6.76 -9.81 27.32
CA HIS B 325 6.76 -10.85 28.35
C HIS B 325 6.22 -12.22 27.88
N ARG B 326 5.62 -12.27 26.69
CA ARG B 326 5.03 -13.51 26.21
C ARG B 326 4.95 -13.59 24.70
N ILE B 327 5.27 -14.76 24.17
CA ILE B 327 5.14 -15.04 22.75
C ILE B 327 4.40 -16.36 22.54
N LEU B 328 3.35 -16.32 21.74
CA LEU B 328 2.59 -17.51 21.36
C LEU B 328 3.09 -17.99 19.99
N TYR B 329 3.75 -19.15 20.00
CA TYR B 329 4.38 -19.74 18.82
C TYR B 329 4.01 -21.21 18.75
N LYS B 330 3.53 -21.65 17.59
CA LYS B 330 3.11 -23.03 17.42
C LYS B 330 2.14 -23.43 18.55
N ASP B 331 1.18 -22.54 18.80
CA ASP B 331 0.14 -22.70 19.82
C ASP B 331 0.66 -22.98 21.23
N ARG B 332 1.93 -22.60 21.48
CA ARG B 332 2.57 -22.78 22.77
C ARG B 332 3.06 -21.41 23.27
N ASN B 333 2.74 -21.07 24.51
CA ASN B 333 3.15 -19.79 25.10
C ASN B 333 4.56 -19.83 25.65
N LEU B 334 5.42 -18.93 25.18
CA LEU B 334 6.78 -18.80 25.66
C LEU B 334 6.82 -17.60 26.60
N HIS B 335 7.22 -17.83 27.85
CA HIS B 335 7.34 -16.73 28.79
C HIS B 335 8.67 -16.07 28.52
N ILE B 336 8.66 -14.74 28.43
CA ILE B 336 9.88 -13.98 28.20
C ILE B 336 10.19 -13.21 29.48
N PRO B 337 11.32 -13.54 30.15
CA PRO B 337 11.63 -12.98 31.47
C PRO B 337 12.15 -11.53 31.49
N THR B 338 11.60 -10.67 30.65
CA THR B 338 12.03 -9.28 30.56
C THR B 338 11.85 -8.47 31.85
N MET B 339 10.63 -8.43 32.39
CA MET B 339 10.33 -7.65 33.57
C MET B 339 11.06 -8.16 34.83
N GLU B 340 11.47 -9.43 34.80
CA GLU B 340 12.26 -10.03 35.88
C GLU B 340 13.71 -9.58 35.88
N ASN B 341 14.21 -9.16 34.71
CA ASN B 341 15.59 -8.73 34.56
C ASN B 341 15.72 -7.21 34.72
N GLY B 342 14.70 -6.61 35.31
CA GLY B 342 14.67 -5.19 35.65
C GLY B 342 13.37 -4.49 35.26
N PRO B 343 13.17 -4.25 33.95
CA PRO B 343 14.07 -4.53 32.84
C PRO B 343 15.14 -3.46 32.84
N GLU B 344 16.35 -3.81 33.25
CA GLU B 344 17.33 -2.77 33.52
C GLU B 344 17.93 -2.12 32.27
N LEU B 345 18.04 -2.87 31.18
CA LEU B 345 18.55 -2.29 29.93
C LEU B 345 17.51 -1.30 29.42
N ILE B 346 16.25 -1.73 29.42
CA ILE B 346 15.14 -0.86 29.02
C ILE B 346 15.05 0.42 29.86
N LEU B 347 15.09 0.26 31.18
CA LEU B 347 15.05 1.41 32.07
C LEU B 347 16.26 2.33 31.85
N ARG B 348 17.42 1.74 31.55
CA ARG B 348 18.60 2.55 31.32
C ARG B 348 18.48 3.35 30.02
N PHE B 349 18.05 2.68 28.94
CA PHE B 349 17.83 3.39 27.67
C PHE B 349 16.84 4.54 27.83
N GLN B 350 15.72 4.21 28.47
CA GLN B 350 14.64 5.14 28.69
C GLN B 350 15.16 6.39 29.43
N LYS B 351 15.99 6.18 30.43
CA LYS B 351 16.50 7.29 31.23
C LYS B 351 17.46 8.20 30.45
N GLU B 352 18.38 7.58 29.73
CA GLU B 352 19.36 8.33 28.93
C GLU B 352 18.69 9.06 27.76
N LEU B 353 17.74 8.42 27.10
CA LEU B 353 16.99 9.10 26.04
C LEU B 353 16.21 10.28 26.58
N LYS B 354 15.54 10.10 27.72
CA LYS B 354 14.81 11.16 28.38
C LYS B 354 15.71 12.38 28.66
N GLU B 355 16.88 12.13 29.24
CA GLU B 355 17.80 13.20 29.55
C GLU B 355 18.22 13.97 28.30
N ILE B 356 18.43 13.24 27.21
CA ILE B 356 18.82 13.85 25.91
C ILE B 356 17.62 14.63 25.32
N GLN B 357 16.48 13.95 25.19
CA GLN B 357 15.27 14.56 24.61
C GLN B 357 14.78 15.84 25.28
N TYR B 358 14.82 15.92 26.61
CA TYR B 358 14.31 17.07 27.33
C TYR B 358 15.40 18.08 27.75
N GLY B 359 16.60 17.87 27.25
CA GLY B 359 17.70 18.84 27.38
C GLY B 359 18.49 18.77 28.67
N ILE B 360 18.25 17.76 29.51
CA ILE B 360 18.99 17.61 30.78
C ILE B 360 20.49 17.42 30.52
N ARG B 361 20.83 16.77 29.40
CA ARG B 361 22.20 16.66 28.93
C ARG B 361 22.21 17.23 27.54
N ALA B 362 23.17 18.10 27.23
CA ALA B 362 23.32 18.61 25.88
C ALA B 362 23.74 17.47 24.97
N HIS B 363 23.27 17.48 23.72
CA HIS B 363 23.59 16.38 22.81
C HIS B 363 23.33 16.84 21.38
N GLU B 364 24.24 16.46 20.49
CA GLU B 364 24.12 16.84 19.08
C GLU B 364 22.94 16.14 18.39
N TRP B 365 22.35 15.17 19.06
CA TRP B 365 21.17 14.48 18.51
C TRP B 365 19.96 15.40 18.47
N MET B 366 19.95 16.42 19.34
CA MET B 366 18.81 17.33 19.43
C MET B 366 18.98 18.55 18.53
N PHE B 367 17.91 18.87 17.80
CA PHE B 367 17.86 20.00 16.85
C PHE B 367 16.94 21.05 17.45
N PRO B 368 17.49 22.24 17.77
CA PRO B 368 16.65 23.21 18.42
C PRO B 368 15.67 23.88 17.45
N VAL B 369 14.48 24.09 17.95
CA VAL B 369 13.43 24.78 17.24
C VAL B 369 13.51 26.25 17.65
N1 PLP C . -3.45 -8.49 -12.52
C2 PLP C . -3.45 -7.51 -11.61
C2A PLP C . -2.23 -7.28 -10.74
C3 PLP C . -4.60 -6.60 -11.46
O3 PLP C . -4.63 -5.60 -10.55
C4 PLP C . -5.78 -6.82 -12.30
C4A PLP C . -6.96 -5.94 -12.15
C5 PLP C . -5.67 -7.96 -13.25
C6 PLP C . -4.51 -8.70 -13.32
C5A PLP C . -6.79 -8.23 -14.24
O4P PLP C . -8.03 -8.33 -13.63
P PLP C . -9.38 -8.22 -14.54
O1P PLP C . -9.27 -9.24 -15.65
O2P PLP C . -10.39 -8.53 -13.47
O3P PLP C . -9.46 -6.88 -15.18
C1 4W4 D . -4.71 -2.43 -11.87
C2 4W4 D . -4.87 -1.18 -12.73
C3 4W4 D . -6.22 -1.15 -13.45
C4 4W4 D . -6.37 -0.16 -14.59
C5 4W4 D . -5.25 -0.26 -15.54
C6 4W4 D . -4.20 0.57 -15.54
C7 4W4 D . -3.05 0.45 -16.45
O8 4W4 D . -2.07 1.17 -16.51
N9 4W4 D . -3.22 -0.66 -17.27
N10 4W4 D . -2.26 -0.99 -18.22
C11 4W4 D . -2.75 -2.08 -18.81
N12 4W4 D . -2.10 -2.72 -19.81
C13 4W4 D . -0.65 -2.54 -20.11
C14 4W4 D . -0.14 -3.85 -20.61
C15 4W4 D . 0.03 -4.16 -21.94
C16 4W4 D . 0.45 -5.39 -22.36
C17 4W4 D . 0.73 -6.37 -21.43
CL1 4W4 D . 1.22 -7.93 -21.96
C19 4W4 D . 0.58 -6.09 -20.09
C20 4W4 D . 0.14 -4.84 -19.70
F21 4W4 D . -0.01 -4.59 -18.39
C22 4W4 D . -4.01 -2.44 -18.26
C23 4W4 D . -4.84 -3.52 -18.63
N24 4W4 D . -5.53 -4.40 -18.91
C25 4W4 D . -4.27 -1.51 -17.28
N26 4W4 D . -5.30 -1.34 -16.42
C1 EDO E . -2.22 1.40 -20.79
O1 EDO E . -2.66 0.63 -21.90
C2 EDO E . -3.46 1.81 -20.02
O2 EDO E . -4.53 0.99 -20.48
C1 EDO F . -19.63 -19.71 -23.23
O1 EDO F . -18.95 -18.57 -23.72
C2 EDO F . -19.45 -19.77 -21.73
O2 EDO F . -18.07 -20.07 -21.48
C1 EDO G . -12.99 -13.63 -10.99
O1 EDO G . -13.53 -14.80 -10.33
C2 EDO G . -12.80 -12.49 -9.99
O2 EDO G . -11.98 -12.91 -8.88
C1 EDO H . -8.17 -21.71 -32.10
O1 EDO H . -9.02 -22.39 -31.20
C2 EDO H . -6.78 -21.60 -31.50
O2 EDO H . -5.97 -22.71 -31.94
C1 EDO I . -15.59 13.33 0.33
O1 EDO I . -15.66 14.71 0.03
C2 EDO I . -16.23 13.06 1.67
O2 EDO I . -16.65 14.30 2.23
C1 EDO J . 4.80 -20.56 -4.84
O1 EDO J . 6.15 -20.82 -5.22
C2 EDO J . 4.19 -19.75 -5.97
O2 EDO J . 3.96 -20.62 -7.08
C1 EDO K . -25.40 -14.40 -10.54
O1 EDO K . -26.16 -13.41 -11.23
C2 EDO K . -24.20 -14.79 -11.39
O2 EDO K . -24.50 -14.63 -12.79
C1 EDO L . 0.86 -8.25 4.86
O1 EDO L . 1.64 -8.66 3.74
C2 EDO L . 0.47 -9.43 5.75
O2 EDO L . -0.17 -10.42 4.95
C1 EDO M . 11.03 -14.29 -4.77
O1 EDO M . 11.03 -14.47 -6.19
C2 EDO M . 10.71 -15.60 -4.05
O2 EDO M . 11.90 -16.39 -3.82
C1 EDO N . 14.93 -0.68 -8.86
O1 EDO N . 14.01 -0.36 -9.91
C2 EDO N . 14.19 -0.89 -7.54
O2 EDO N . 13.22 -1.95 -7.67
C1 EDO O . -22.75 -11.95 -6.31
O1 EDO O . -22.43 -10.56 -6.13
C2 EDO O . -23.55 -12.46 -5.12
O2 EDO O . -24.45 -11.46 -4.64
C1 EDO P . -8.18 -13.48 -2.61
O1 EDO P . -9.57 -13.12 -2.73
C2 EDO P . -8.06 -14.67 -1.67
O2 EDO P . -9.33 -15.28 -1.48
C1 EDO Q . -4.36 -17.78 -1.56
O1 EDO Q . -5.56 -18.14 -2.26
C2 EDO Q . -3.54 -19.03 -1.33
O2 EDO Q . -3.97 -20.04 -2.26
CL CL R . -7.41 -15.94 -4.95
C1 GOL S . -2.69 -23.80 -6.39
O1 GOL S . -2.49 -24.99 -5.63
C2 GOL S . -4.18 -23.64 -6.67
O2 GOL S . -4.70 -24.94 -6.87
C3 GOL S . -4.92 -22.98 -5.52
O3 GOL S . -4.19 -23.14 -4.29
N1 PLP T . 9.24 -0.59 12.14
C2 PLP T . 8.30 -0.20 11.24
C2A PLP T . 7.65 -1.23 10.36
C3 PLP T . 7.96 1.21 11.09
O3 PLP T . 7.06 1.68 10.21
C4 PLP T . 8.66 2.18 11.94
C4A PLP T . 8.32 3.62 11.78
C5 PLP T . 9.65 1.62 12.90
C6 PLP T . 9.88 0.25 12.97
C5A PLP T . 10.38 2.48 13.91
O4P PLP T . 10.91 3.64 13.40
P PLP T . 11.38 4.89 14.30
O1P PLP T . 12.28 4.37 15.40
O2P PLP T . 12.10 5.68 13.24
O3P PLP T . 10.16 5.59 14.83
C1 4W4 U . 4.25 3.37 11.56
C2 4W4 U . 3.13 4.02 12.33
C3 4W4 U . 3.63 5.27 13.05
C4 4W4 U . 2.80 5.75 14.22
C5 4W4 U . 2.41 4.66 15.13
C6 4W4 U . 1.20 4.11 15.12
C7 4W4 U . 0.80 3.00 15.99
O8 4W4 U . -0.29 2.46 16.03
N9 4W4 U . 1.84 2.60 16.81
N10 4W4 U . 1.68 1.56 17.70
C11 4W4 U . 2.87 1.47 18.30
N12 4W4 U . 3.20 0.60 19.27
C13 4W4 U . 2.40 -0.60 19.61
C14 4W4 U . 3.36 -1.64 20.09
C15 4W4 U . 3.52 -1.86 21.45
C16 4W4 U . 4.42 -2.81 21.87
C17 4W4 U . 5.18 -3.51 20.96
CL1 4W4 U . 6.35 -4.66 21.48
C19 4W4 U . 5.04 -3.29 19.60
C20 4W4 U . 4.12 -2.35 19.20
F21 4W4 U . 4.00 -2.13 17.87
C22 4W4 U . 3.78 2.45 17.80
C23 4W4 U . 5.13 2.66 18.16
N24 4W4 U . 6.23 2.83 18.48
C25 4W4 U . 3.09 3.15 16.84
N26 4W4 U . 3.38 4.18 16.02
S DMS V . -5.11 20.36 -2.03
O DMS V . -5.89 20.29 -0.78
C1 DMS V . -5.98 21.31 -3.15
C2 DMS V . -3.78 21.41 -1.81
C1 EDO W . -0.44 3.00 19.83
O1 EDO W . 0.16 2.37 20.97
C2 EDO W . 0.32 4.29 19.53
O2 EDO W . 0.60 4.96 20.76
C1 EDO X . 25.90 9.14 23.01
O1 EDO X . 24.86 9.52 23.91
C2 EDO X . 25.29 8.30 21.90
O2 EDO X . 26.33 7.57 21.24
C1 EDO Y . 22.46 -2.22 31.90
O1 EDO Y . 23.63 -1.83 31.18
C2 EDO Y . 21.95 -3.53 31.30
O2 EDO Y . 22.61 -4.64 31.93
C1 EDO Z . 16.68 -12.07 36.77
O1 EDO Z . 17.97 -12.17 37.38
C2 EDO Z . 16.23 -13.39 36.14
O2 EDO Z . 17.21 -14.43 36.35
CL CL AA . 17.68 -0.20 4.81
C1 GOL BA . 23.78 16.06 12.86
O1 GOL BA . 23.95 15.23 11.71
C2 GOL BA . 23.81 17.53 12.46
O2 GOL BA . 24.18 17.64 11.07
C3 GOL BA . 24.76 18.34 13.33
O3 GOL BA . 24.10 19.55 13.73
#